data_7F3X
#
_entry.id   7F3X
#
_cell.length_a   1.00
_cell.length_b   1.00
_cell.length_c   1.00
_cell.angle_alpha   90.00
_cell.angle_beta   90.00
_cell.angle_gamma   90.00
#
_symmetry.space_group_name_H-M   'P 1'
#
loop_
_entity.id
_entity.type
_entity.pdbx_description
1 polymer LPCAT3
2 non-polymer [2-((1-OXODODECANOXY-(2-HYDROXY-3-PROPANYL))-PHOSPHONATE-OXY)-ETHYL]-TRIMETHYLAMMONIUM
#
_entity_poly.entity_id   1
_entity_poly.type   'polypeptide(L)'
_entity_poly.pdbx_seq_one_letter_code
;MGAERDESGAGAAVLVPLLGFGSNRPAGPAEKMAVAGSGWSLARVAEALGSSEQALRLIVSILMGYPFALFQRYFLFQKE
TYLIHLYNVFTGLSIAYFNFGMQFFHSLLCVLIQFLILRLMGRTVTAVFTTFVFQMTYLMAGYYFTATEHYDIKWTMPHC
VLTLKLIGLAIDYYDGGKDPELLTPEQRRFAVRGVPTLLEVSGFSYFYGAFMVGPQFSMTDYQKLAKGEMTDVPGQRPNS
FVPALKRLSLGLLFLVTYTLSSPYISEEYLISDDYMEKPFWFRCGYILVWGKIILYKYVTCWLVTEGVCILVGLGYNGND
QNGKPVWDACANMKVWLYETTPLFTGTIASFNINTNAWVARYVFKRLKFLGNKLLSQALALFFLAIWHGLHSGYLVCFQM
ELLIVIVERQVINLVRDSPTLSTLASITALQPIFYVLQQTNHWMFMGYSLVPFCLFTWDKWMKVYKSIYFLGHVLFFTLL
LVLPYIRKLLVPRKEKLKKAE
;
_entity_poly.pdbx_strand_id   A,B
#
# COMPACT_ATOMS: atom_id res chain seq x y z
N LEU A 42 -22.77 -23.84 24.37
CA LEU A 42 -23.07 -24.02 25.79
C LEU A 42 -21.84 -23.69 26.64
N ALA A 43 -22.05 -22.95 27.73
CA ALA A 43 -20.94 -22.60 28.60
C ALA A 43 -20.52 -23.78 29.47
N ARG A 44 -21.44 -24.70 29.76
CA ARG A 44 -21.10 -25.84 30.61
C ARG A 44 -20.03 -26.70 29.97
N VAL A 45 -20.22 -27.08 28.71
CA VAL A 45 -19.21 -27.89 28.02
C VAL A 45 -17.93 -27.09 27.83
N ALA A 46 -18.03 -25.79 27.60
CA ALA A 46 -16.85 -24.96 27.44
C ALA A 46 -15.99 -24.96 28.70
N GLU A 47 -16.62 -24.84 29.87
CA GLU A 47 -15.87 -24.89 31.12
C GLU A 47 -15.43 -26.30 31.47
N ALA A 48 -16.16 -27.32 31.01
CA ALA A 48 -15.76 -28.70 31.29
C ALA A 48 -14.52 -29.08 30.50
N LEU A 49 -14.46 -28.71 29.22
CA LEU A 49 -13.33 -29.09 28.38
C LEU A 49 -12.08 -28.28 28.66
N GLY A 50 -12.18 -27.19 29.43
CA GLY A 50 -11.01 -26.41 29.78
C GLY A 50 -10.54 -25.45 28.70
N SER A 51 -11.34 -25.23 27.66
CA SER A 51 -10.98 -24.32 26.58
C SER A 51 -12.17 -23.44 26.24
N SER A 52 -11.89 -22.32 25.58
CA SER A 52 -12.95 -21.39 25.20
C SER A 52 -13.93 -22.05 24.24
N GLU A 53 -15.17 -21.57 24.25
CA GLU A 53 -16.20 -22.17 23.43
C GLU A 53 -15.96 -21.99 21.94
N GLN A 54 -15.14 -21.01 21.55
CA GLN A 54 -14.85 -20.81 20.13
C GLN A 54 -14.12 -22.01 19.55
N ALA A 55 -13.10 -22.51 20.26
CA ALA A 55 -12.33 -23.64 19.76
C ALA A 55 -13.20 -24.90 19.69
N LEU A 56 -14.02 -25.13 20.71
CA LEU A 56 -14.91 -26.29 20.69
C LEU A 56 -15.90 -26.20 19.54
N ARG A 57 -16.45 -25.00 19.31
CA ARG A 57 -17.38 -24.82 18.20
C ARG A 57 -16.70 -25.09 16.86
N LEU A 58 -15.46 -24.61 16.70
CA LEU A 58 -14.72 -24.88 15.48
C LEU A 58 -14.49 -26.37 15.29
N ILE A 59 -14.09 -27.07 16.35
CA ILE A 59 -13.80 -28.50 16.24
C ILE A 59 -15.06 -29.27 15.90
N VAL A 60 -16.19 -28.93 16.54
CA VAL A 60 -17.42 -29.65 16.22
C VAL A 60 -17.89 -29.32 14.80
N SER A 61 -17.68 -28.09 14.34
CA SER A 61 -18.04 -27.76 12.97
C SER A 61 -17.20 -28.55 11.98
N ILE A 62 -15.90 -28.68 12.24
CA ILE A 62 -15.03 -29.45 11.36
C ILE A 62 -15.45 -30.92 11.36
N LEU A 63 -15.71 -31.48 12.54
CA LEU A 63 -16.10 -32.87 12.64
C LEU A 63 -17.47 -33.15 12.05
N MET A 64 -18.33 -32.13 11.93
CA MET A 64 -19.64 -32.32 11.34
C MET A 64 -19.58 -32.64 9.86
N GLY A 65 -18.42 -32.50 9.21
CA GLY A 65 -18.32 -32.79 7.80
C GLY A 65 -18.43 -34.26 7.44
N TYR A 66 -18.06 -35.14 8.36
CA TYR A 66 -18.09 -36.58 8.06
C TYR A 66 -19.50 -37.09 7.74
N PRO A 67 -20.54 -36.81 8.54
CA PRO A 67 -21.88 -37.24 8.13
C PRO A 67 -22.31 -36.64 6.81
N PHE A 68 -21.92 -35.39 6.52
CA PHE A 68 -22.26 -34.79 5.23
C PHE A 68 -21.64 -35.57 4.07
N ALA A 69 -20.35 -35.94 4.22
CA ALA A 69 -19.69 -36.71 3.17
C ALA A 69 -20.32 -38.10 3.02
N LEU A 70 -20.66 -38.73 4.15
CA LEU A 70 -21.29 -40.05 4.09
C LEU A 70 -22.64 -39.98 3.40
N PHE A 71 -23.42 -38.93 3.69
CA PHE A 71 -24.71 -38.76 3.03
C PHE A 71 -24.53 -38.50 1.54
N GLN A 72 -23.54 -37.68 1.17
CA GLN A 72 -23.32 -37.36 -0.24
C GLN A 72 -22.89 -38.59 -1.02
N ARG A 73 -22.01 -39.41 -0.43
CA ARG A 73 -21.43 -40.53 -1.17
C ARG A 73 -22.46 -41.61 -1.51
N TYR A 74 -23.60 -41.65 -0.80
CA TYR A 74 -24.54 -42.75 -0.96
C TYR A 74 -25.83 -42.37 -1.67
N PHE A 75 -26.16 -41.09 -1.76
CA PHE A 75 -27.45 -40.66 -2.31
C PHE A 75 -27.32 -39.84 -3.58
N LEU A 76 -26.16 -39.88 -4.24
CA LEU A 76 -25.92 -39.06 -5.43
C LEU A 76 -25.21 -39.87 -6.51
N PHE A 77 -25.68 -41.09 -6.75
CA PHE A 77 -25.13 -41.88 -7.86
C PHE A 77 -25.44 -41.22 -9.20
N GLN A 78 -26.71 -40.92 -9.44
CA GLN A 78 -27.07 -40.08 -10.58
C GLN A 78 -26.53 -38.67 -10.36
N LYS A 79 -26.02 -38.05 -11.42
CA LYS A 79 -25.27 -36.82 -11.21
C LYS A 79 -26.19 -35.60 -11.07
N GLU A 80 -26.84 -35.19 -12.17
CA GLU A 80 -27.66 -33.98 -12.16
C GLU A 80 -26.96 -32.86 -11.40
N THR A 81 -25.82 -32.39 -11.91
CA THR A 81 -24.84 -31.57 -11.21
C THR A 81 -25.44 -30.48 -10.32
N TYR A 82 -26.57 -29.90 -10.73
CA TYR A 82 -27.16 -28.82 -9.95
C TYR A 82 -27.56 -29.29 -8.56
N LEU A 83 -27.91 -30.56 -8.39
CA LEU A 83 -28.14 -31.08 -7.04
C LEU A 83 -26.88 -31.00 -6.20
N ILE A 84 -25.73 -31.39 -6.76
CA ILE A 84 -24.48 -31.30 -6.01
C ILE A 84 -24.17 -29.85 -5.66
N HIS A 85 -24.37 -28.94 -6.63
CA HIS A 85 -24.05 -27.54 -6.38
C HIS A 85 -24.94 -26.96 -5.28
N LEU A 86 -26.24 -27.23 -5.33
CA LEU A 86 -27.14 -26.74 -4.29
C LEU A 86 -26.83 -27.37 -2.95
N TYR A 87 -26.50 -28.66 -2.92
CA TYR A 87 -26.16 -29.30 -1.67
C TYR A 87 -24.91 -28.68 -1.05
N ASN A 88 -23.89 -28.42 -1.87
CA ASN A 88 -22.67 -27.80 -1.38
C ASN A 88 -22.95 -26.40 -0.85
N VAL A 89 -23.76 -25.61 -1.58
CA VAL A 89 -24.07 -24.26 -1.14
C VAL A 89 -24.80 -24.29 0.19
N PHE A 90 -25.81 -25.16 0.31
CA PHE A 90 -26.58 -25.23 1.55
C PHE A 90 -25.72 -25.67 2.72
N THR A 91 -24.86 -26.68 2.52
CA THR A 91 -24.03 -27.16 3.61
C THR A 91 -23.01 -26.11 4.03
N GLY A 92 -22.39 -25.43 3.07
CA GLY A 92 -21.46 -24.38 3.41
C GLY A 92 -22.12 -23.23 4.15
N LEU A 93 -23.32 -22.83 3.70
CA LEU A 93 -24.04 -21.76 4.39
C LEU A 93 -24.42 -22.17 5.80
N SER A 94 -24.85 -23.43 5.98
CA SER A 94 -25.17 -23.91 7.32
C SER A 94 -23.94 -23.91 8.22
N ILE A 95 -22.79 -24.35 7.69
CA ILE A 95 -21.57 -24.36 8.49
C ILE A 95 -21.18 -22.94 8.87
N ALA A 96 -21.27 -22.00 7.94
CA ALA A 96 -20.96 -20.60 8.25
C ALA A 96 -21.92 -20.04 9.29
N TYR A 97 -23.21 -20.38 9.18
CA TYR A 97 -24.20 -19.87 10.12
C TYR A 97 -24.00 -20.44 11.51
N PHE A 98 -23.58 -21.69 11.62
CA PHE A 98 -23.37 -22.28 12.94
C PHE A 98 -22.30 -21.53 13.72
N ASN A 99 -21.17 -21.23 13.06
CA ASN A 99 -20.10 -20.50 13.74
C ASN A 99 -20.35 -18.99 13.71
N PHE A 100 -20.33 -18.40 12.51
CA PHE A 100 -20.36 -16.96 12.34
C PHE A 100 -21.78 -16.50 11.95
N GLY A 101 -22.72 -16.75 12.84
CA GLY A 101 -24.12 -16.65 12.47
C GLY A 101 -24.72 -15.27 12.35
N MET A 102 -23.89 -14.24 12.12
CA MET A 102 -24.44 -12.91 11.88
C MET A 102 -23.80 -12.24 10.67
N GLN A 103 -22.55 -12.60 10.37
CA GLN A 103 -21.80 -11.90 9.34
C GLN A 103 -21.57 -12.74 8.09
N PHE A 104 -22.13 -13.94 8.00
CA PHE A 104 -21.86 -14.82 6.87
C PHE A 104 -22.23 -14.17 5.55
N PHE A 105 -23.23 -13.29 5.54
CA PHE A 105 -23.66 -12.65 4.31
C PHE A 105 -22.52 -11.83 3.68
N HIS A 106 -21.57 -11.37 4.49
CA HIS A 106 -20.38 -10.72 3.94
C HIS A 106 -19.73 -11.58 2.88
N SER A 107 -19.54 -12.87 3.19
CA SER A 107 -18.99 -13.79 2.20
C SER A 107 -19.87 -13.84 0.96
N LEU A 108 -21.19 -13.91 1.16
CA LEU A 108 -22.12 -13.92 0.03
C LEU A 108 -21.99 -12.67 -0.82
N LEU A 109 -21.46 -11.59 -0.27
CA LEU A 109 -21.15 -10.42 -1.10
C LEU A 109 -19.97 -10.71 -2.01
N CYS A 110 -18.87 -11.21 -1.44
CA CYS A 110 -17.63 -11.32 -2.21
C CYS A 110 -17.76 -12.33 -3.35
N VAL A 111 -18.57 -13.36 -3.18
CA VAL A 111 -18.82 -14.29 -4.27
C VAL A 111 -19.54 -13.60 -5.41
N LEU A 112 -20.54 -12.77 -5.10
CA LEU A 112 -21.36 -12.18 -6.15
C LEU A 112 -20.61 -11.11 -6.92
N ILE A 113 -19.92 -10.21 -6.21
CA ILE A 113 -19.24 -9.09 -6.86
C ILE A 113 -18.22 -9.60 -7.87
N GLN A 114 -17.42 -10.59 -7.46
CA GLN A 114 -16.45 -11.17 -8.38
C GLN A 114 -17.14 -11.71 -9.62
N PHE A 115 -18.31 -12.34 -9.46
CA PHE A 115 -19.02 -12.87 -10.61
C PHE A 115 -19.33 -11.79 -11.62
N LEU A 116 -19.61 -10.56 -11.15
CA LEU A 116 -19.75 -9.45 -12.07
C LEU A 116 -18.41 -9.12 -12.72
N ILE A 117 -17.37 -8.95 -11.91
CA ILE A 117 -16.06 -8.60 -12.44
C ILE A 117 -15.55 -9.71 -13.36
N LEU A 118 -15.86 -10.96 -13.01
CA LEU A 118 -15.47 -12.07 -13.87
C LEU A 118 -16.26 -12.09 -15.17
N ARG A 119 -17.50 -11.61 -15.15
CA ARG A 119 -18.33 -11.69 -16.35
C ARG A 119 -17.90 -10.65 -17.39
N LEU A 120 -17.93 -9.38 -17.03
CA LEU A 120 -17.50 -8.32 -17.93
C LEU A 120 -15.99 -8.25 -17.96
N MET A 121 -15.45 -7.64 -19.02
CA MET A 121 -14.02 -7.55 -19.29
C MET A 121 -13.31 -8.89 -18.99
N GLY A 122 -13.84 -9.96 -19.59
CA GLY A 122 -13.46 -11.30 -19.18
C GLY A 122 -11.98 -11.61 -19.42
N ARG A 123 -11.47 -11.29 -20.61
CA ARG A 123 -10.12 -11.71 -20.98
C ARG A 123 -9.10 -10.58 -20.97
N THR A 124 -9.47 -9.40 -20.50
CA THR A 124 -8.53 -8.29 -20.45
C THR A 124 -7.60 -8.43 -19.25
N VAL A 125 -6.43 -7.78 -19.36
CA VAL A 125 -5.46 -7.81 -18.28
C VAL A 125 -5.98 -7.04 -17.08
N THR A 126 -6.70 -5.94 -17.31
CA THR A 126 -7.15 -5.08 -16.23
C THR A 126 -8.15 -5.77 -15.29
N ALA A 127 -8.81 -6.84 -15.74
CA ALA A 127 -9.70 -7.57 -14.86
C ALA A 127 -8.93 -8.18 -13.70
N VAL A 128 -7.76 -8.76 -13.99
CA VAL A 128 -6.91 -9.30 -12.94
C VAL A 128 -6.51 -8.21 -11.96
N PHE A 129 -6.10 -7.05 -12.48
CA PHE A 129 -5.69 -5.94 -11.60
C PHE A 129 -6.83 -5.51 -10.70
N THR A 130 -8.03 -5.32 -11.27
CA THR A 130 -9.13 -4.79 -10.47
C THR A 130 -9.60 -5.81 -9.45
N THR A 131 -9.64 -7.11 -9.80
CA THR A 131 -10.06 -8.10 -8.81
C THR A 131 -9.02 -8.24 -7.71
N PHE A 132 -7.73 -8.18 -8.06
CA PHE A 132 -6.69 -8.26 -7.05
C PHE A 132 -6.78 -7.09 -6.08
N VAL A 133 -6.93 -5.88 -6.61
CA VAL A 133 -7.01 -4.70 -5.75
C VAL A 133 -8.25 -4.76 -4.87
N PHE A 134 -9.40 -5.15 -5.45
CA PHE A 134 -10.64 -5.21 -4.66
C PHE A 134 -10.53 -6.23 -3.53
N GLN A 135 -10.01 -7.43 -3.84
CA GLN A 135 -9.89 -8.44 -2.81
C GLN A 135 -8.92 -8.02 -1.72
N MET A 136 -7.77 -7.46 -2.10
CA MET A 136 -6.80 -7.02 -1.11
C MET A 136 -7.36 -5.91 -0.23
N THR A 137 -8.05 -4.93 -0.83
CA THR A 137 -8.57 -3.84 0.00
C THR A 137 -9.70 -4.31 0.90
N TYR A 138 -10.53 -5.25 0.44
CA TYR A 138 -11.57 -5.80 1.32
C TYR A 138 -10.95 -6.52 2.50
N LEU A 139 -9.94 -7.36 2.24
CA LEU A 139 -9.30 -8.09 3.33
C LEU A 139 -8.61 -7.15 4.30
N MET A 140 -7.93 -6.11 3.78
CA MET A 140 -7.25 -5.17 4.66
C MET A 140 -8.24 -4.35 5.47
N ALA A 141 -9.37 -3.97 4.88
CA ALA A 141 -10.39 -3.26 5.64
C ALA A 141 -10.94 -4.13 6.76
N GLY A 142 -11.21 -5.41 6.48
CA GLY A 142 -11.67 -6.31 7.52
C GLY A 142 -10.66 -6.47 8.64
N TYR A 143 -9.38 -6.64 8.27
CA TYR A 143 -8.33 -6.80 9.27
C TYR A 143 -8.19 -5.55 10.12
N TYR A 144 -8.25 -4.37 9.49
CA TYR A 144 -8.11 -3.12 10.22
C TYR A 144 -9.27 -2.89 11.18
N PHE A 145 -10.49 -3.21 10.73
CA PHE A 145 -11.66 -3.00 11.57
C PHE A 145 -11.86 -4.10 12.60
N THR A 146 -11.13 -5.21 12.50
CA THR A 146 -11.18 -6.21 13.57
C THR A 146 -10.07 -5.94 14.58
N ALA A 147 -8.82 -6.05 14.12
CA ALA A 147 -7.63 -5.62 14.87
C ALA A 147 -7.69 -6.01 16.36
N THR A 148 -7.96 -7.29 16.61
CA THR A 148 -7.98 -7.77 17.99
C THR A 148 -6.57 -8.15 18.44
N GLU A 149 -6.30 -7.92 19.71
CA GLU A 149 -4.97 -8.21 20.27
C GLU A 149 -4.79 -9.68 20.58
N HIS A 150 -5.71 -10.30 21.29
CA HIS A 150 -5.62 -11.72 21.57
C HIS A 150 -5.91 -12.54 20.31
N TYR A 151 -5.36 -13.74 20.26
CA TYR A 151 -5.67 -14.65 19.17
C TYR A 151 -7.12 -15.08 19.24
N ASP A 152 -7.89 -14.71 18.23
CA ASP A 152 -9.32 -15.03 18.17
C ASP A 152 -9.66 -15.64 16.82
N ILE A 153 -10.56 -16.62 16.82
CA ILE A 153 -11.04 -17.24 15.58
C ILE A 153 -12.33 -16.52 15.22
N LYS A 154 -12.18 -15.40 14.51
CA LYS A 154 -13.27 -14.54 14.10
C LYS A 154 -13.57 -14.68 12.61
N TRP A 155 -14.44 -13.79 12.11
CA TRP A 155 -14.85 -13.69 10.70
C TRP A 155 -13.71 -13.76 9.70
N THR A 156 -12.47 -13.44 10.09
CA THR A 156 -11.44 -13.12 9.12
C THR A 156 -11.02 -14.34 8.30
N MET A 157 -10.69 -15.45 8.95
CA MET A 157 -10.00 -16.53 8.26
C MET A 157 -10.80 -17.20 7.13
N PRO A 158 -12.10 -17.49 7.26
CA PRO A 158 -12.79 -18.08 6.10
C PRO A 158 -12.83 -17.13 4.92
N HIS A 159 -12.98 -15.83 5.17
CA HIS A 159 -12.95 -14.86 4.09
C HIS A 159 -11.56 -14.77 3.48
N CYS A 160 -10.52 -14.94 4.30
CA CYS A 160 -9.15 -14.95 3.77
C CYS A 160 -8.95 -16.10 2.80
N VAL A 161 -9.35 -17.31 3.21
CA VAL A 161 -9.23 -18.47 2.33
C VAL A 161 -10.05 -18.25 1.06
N LEU A 162 -11.28 -17.76 1.22
CA LEU A 162 -12.15 -17.53 0.06
C LEU A 162 -11.55 -16.53 -0.91
N THR A 163 -11.00 -15.42 -0.39
CA THR A 163 -10.48 -14.39 -1.28
C THR A 163 -9.23 -14.86 -1.99
N LEU A 164 -8.37 -15.63 -1.31
CA LEU A 164 -7.19 -16.15 -2.00
C LEU A 164 -7.60 -17.14 -3.08
N LYS A 165 -8.59 -17.99 -2.79
CA LYS A 165 -9.08 -18.93 -3.79
C LYS A 165 -9.68 -18.21 -4.99
N LEU A 166 -10.42 -17.12 -4.74
CA LEU A 166 -11.03 -16.38 -5.85
C LEU A 166 -9.98 -15.69 -6.71
N ILE A 167 -8.94 -15.13 -6.08
CA ILE A 167 -7.85 -14.56 -6.87
C ILE A 167 -7.19 -15.64 -7.73
N GLY A 168 -6.99 -16.82 -7.15
CA GLY A 168 -6.46 -17.93 -7.95
C GLY A 168 -7.35 -18.28 -9.12
N LEU A 169 -8.67 -18.30 -8.90
CA LEU A 169 -9.59 -18.60 -9.99
C LEU A 169 -9.51 -17.57 -11.10
N ALA A 170 -9.45 -16.28 -10.73
CA ALA A 170 -9.35 -15.24 -11.74
C ALA A 170 -8.07 -15.37 -12.55
N ILE A 171 -6.94 -15.61 -11.87
CA ILE A 171 -5.67 -15.80 -12.57
C ILE A 171 -5.76 -16.99 -13.52
N ASP A 172 -6.35 -18.10 -13.05
CA ASP A 172 -6.46 -19.29 -13.89
C ASP A 172 -7.32 -19.03 -15.11
N TYR A 173 -8.43 -18.30 -14.94
CA TYR A 173 -9.30 -18.01 -16.08
C TYR A 173 -8.59 -17.14 -17.10
N TYR A 174 -7.90 -16.09 -16.63
CA TYR A 174 -7.16 -15.25 -17.55
C TYR A 174 -6.09 -16.04 -18.30
N ASP A 175 -5.40 -16.93 -17.59
CA ASP A 175 -4.36 -17.75 -18.22
C ASP A 175 -4.97 -18.69 -19.26
N GLY A 176 -6.12 -19.28 -18.95
CA GLY A 176 -6.78 -20.17 -19.89
C GLY A 176 -7.44 -19.47 -21.05
N GLY A 177 -7.61 -18.15 -20.95
CA GLY A 177 -8.15 -17.39 -22.07
C GLY A 177 -7.19 -17.12 -23.20
N LYS A 178 -5.93 -17.52 -23.06
CA LYS A 178 -4.91 -17.24 -24.06
C LYS A 178 -5.01 -18.26 -25.21
N ASP A 179 -4.00 -18.27 -26.07
CA ASP A 179 -3.99 -19.17 -27.22
C ASP A 179 -3.80 -20.61 -26.78
N PRO A 180 -4.26 -21.57 -27.58
CA PRO A 180 -4.24 -22.98 -27.15
C PRO A 180 -2.90 -23.66 -27.34
N GLU A 181 -1.82 -22.91 -27.54
CA GLU A 181 -0.51 -23.51 -27.72
C GLU A 181 -0.04 -24.14 -26.41
N LEU A 182 1.17 -24.72 -26.44
CA LEU A 182 1.66 -25.55 -25.35
C LEU A 182 1.66 -24.82 -24.01
N LEU A 183 2.50 -23.79 -23.88
CA LEU A 183 2.56 -22.96 -22.69
C LEU A 183 2.71 -23.79 -21.42
N THR A 184 3.83 -24.52 -21.34
CA THR A 184 4.17 -25.30 -20.16
C THR A 184 3.05 -26.31 -19.88
N PRO A 185 2.98 -27.41 -20.66
CA PRO A 185 1.76 -28.23 -20.74
C PRO A 185 1.01 -28.48 -19.43
N GLU A 186 1.71 -28.49 -18.30
CA GLU A 186 1.01 -28.57 -17.01
C GLU A 186 0.11 -27.36 -16.82
N GLN A 187 0.61 -26.18 -17.20
CA GLN A 187 -0.21 -24.96 -17.14
C GLN A 187 -1.41 -25.07 -18.07
N ARG A 188 -1.21 -25.65 -19.26
CA ARG A 188 -2.31 -25.80 -20.21
C ARG A 188 -3.39 -26.73 -19.66
N ARG A 189 -3.00 -27.89 -19.14
CA ARG A 189 -3.95 -28.83 -18.58
C ARG A 189 -4.51 -28.38 -17.24
N PHE A 190 -3.90 -27.39 -16.60
CA PHE A 190 -4.36 -26.89 -15.32
C PHE A 190 -5.28 -25.68 -15.44
N ALA A 191 -5.58 -25.24 -16.66
CA ALA A 191 -6.39 -24.06 -16.90
C ALA A 191 -7.86 -24.42 -17.05
N VAL A 192 -8.70 -23.39 -17.08
CA VAL A 192 -10.14 -23.56 -17.22
C VAL A 192 -10.58 -22.93 -18.54
N ARG A 193 -11.50 -23.62 -19.23
CA ARG A 193 -12.06 -23.14 -20.48
C ARG A 193 -13.58 -23.27 -20.41
N GLY A 194 -14.28 -22.17 -20.72
CA GLY A 194 -15.73 -22.18 -20.68
C GLY A 194 -16.22 -20.90 -20.03
N VAL A 195 -17.51 -20.93 -19.67
CA VAL A 195 -18.17 -19.82 -18.99
C VAL A 195 -18.49 -20.27 -17.56
N PRO A 196 -17.90 -19.63 -16.55
CA PRO A 196 -18.20 -19.96 -15.14
C PRO A 196 -19.46 -19.26 -14.63
N THR A 197 -20.61 -19.89 -14.88
CA THR A 197 -21.88 -19.32 -14.47
C THR A 197 -21.97 -19.28 -12.94
N LEU A 198 -23.06 -18.66 -12.46
CA LEU A 198 -23.17 -18.39 -11.02
C LEU A 198 -23.22 -19.67 -10.19
N LEU A 199 -23.93 -20.68 -10.68
CA LEU A 199 -24.10 -21.91 -9.90
C LEU A 199 -22.77 -22.60 -9.66
N GLU A 200 -21.96 -22.73 -10.71
CA GLU A 200 -20.68 -23.45 -10.57
C GLU A 200 -19.73 -22.72 -9.64
N VAL A 201 -19.61 -21.40 -9.79
CA VAL A 201 -18.68 -20.65 -8.93
C VAL A 201 -19.19 -20.64 -7.49
N SER A 202 -20.51 -20.57 -7.30
CA SER A 202 -21.06 -20.61 -5.95
C SER A 202 -20.81 -21.96 -5.29
N GLY A 203 -20.99 -23.05 -6.02
CA GLY A 203 -20.71 -24.36 -5.46
C GLY A 203 -19.24 -24.58 -5.18
N PHE A 204 -18.37 -24.13 -6.09
CA PHE A 204 -16.93 -24.29 -5.89
C PHE A 204 -16.42 -23.42 -4.75
N SER A 205 -17.06 -22.29 -4.50
CA SER A 205 -16.61 -21.38 -3.44
C SER A 205 -17.00 -21.88 -2.06
N TYR A 206 -18.10 -22.61 -1.93
CA TYR A 206 -18.67 -22.98 -0.64
C TYR A 206 -18.59 -24.47 -0.37
N PHE A 207 -17.47 -25.10 -0.72
CA PHE A 207 -17.27 -26.51 -0.39
C PHE A 207 -17.35 -26.71 1.11
N TYR A 208 -18.12 -27.70 1.54
CA TYR A 208 -18.35 -27.88 2.97
C TYR A 208 -17.13 -28.42 3.70
N GLY A 209 -16.35 -29.28 3.05
CA GLY A 209 -15.17 -29.84 3.69
C GLY A 209 -14.06 -28.84 3.87
N ALA A 210 -13.54 -28.31 2.77
CA ALA A 210 -12.43 -27.37 2.82
C ALA A 210 -12.95 -25.93 2.79
N PHE A 211 -13.55 -25.54 3.91
CA PHE A 211 -14.10 -24.19 4.06
C PHE A 211 -13.40 -23.39 5.14
N MET A 212 -13.28 -23.94 6.35
CA MET A 212 -12.70 -23.17 7.46
C MET A 212 -11.18 -23.06 7.31
N VAL A 213 -10.47 -24.18 7.35
CA VAL A 213 -9.02 -24.18 7.26
C VAL A 213 -8.58 -25.20 6.22
N GLY A 214 -9.51 -25.62 5.37
CA GLY A 214 -9.28 -26.73 4.48
C GLY A 214 -8.27 -26.46 3.38
N PRO A 215 -7.83 -27.52 2.71
CA PRO A 215 -6.86 -27.36 1.62
C PRO A 215 -7.45 -26.59 0.45
N GLN A 216 -6.58 -25.93 -0.30
CA GLN A 216 -6.97 -25.09 -1.43
C GLN A 216 -6.77 -25.87 -2.72
N PHE A 217 -7.86 -26.37 -3.29
CA PHE A 217 -7.81 -27.06 -4.57
C PHE A 217 -7.98 -26.04 -5.70
N SER A 218 -8.10 -26.53 -6.93
CA SER A 218 -8.21 -25.67 -8.10
C SER A 218 -9.66 -25.68 -8.61
N MET A 219 -9.87 -25.03 -9.75
CA MET A 219 -11.20 -24.98 -10.36
C MET A 219 -11.43 -26.12 -11.33
N THR A 220 -10.41 -26.52 -12.09
CA THR A 220 -10.59 -27.56 -13.09
C THR A 220 -10.95 -28.91 -12.46
N ASP A 221 -10.30 -29.26 -11.35
CA ASP A 221 -10.55 -30.56 -10.72
C ASP A 221 -11.87 -30.59 -9.95
N TYR A 222 -12.39 -29.44 -9.52
CA TYR A 222 -13.70 -29.42 -8.88
C TYR A 222 -14.79 -29.83 -9.85
N GLN A 223 -14.72 -29.34 -11.09
CA GLN A 223 -15.67 -29.75 -12.11
C GLN A 223 -15.54 -31.23 -12.44
N LYS A 224 -14.33 -31.79 -12.35
CA LYS A 224 -14.16 -33.23 -12.53
C LYS A 224 -14.90 -34.00 -11.44
N LEU A 225 -14.80 -33.53 -10.20
CA LEU A 225 -15.55 -34.17 -9.10
C LEU A 225 -17.05 -34.04 -9.33
N ALA A 226 -17.50 -32.87 -9.78
CA ALA A 226 -18.93 -32.67 -10.04
C ALA A 226 -19.40 -33.57 -11.17
N LYS A 227 -18.58 -33.76 -12.20
CA LYS A 227 -18.93 -34.59 -13.34
C LYS A 227 -18.58 -36.06 -13.13
N GLY A 228 -18.04 -36.42 -11.97
CA GLY A 228 -17.83 -37.81 -11.61
C GLY A 228 -16.84 -38.60 -12.46
N GLU A 229 -15.68 -38.01 -12.74
CA GLU A 229 -14.59 -38.73 -13.40
C GLU A 229 -13.34 -38.76 -12.51
N MET A 230 -13.54 -38.79 -11.19
CA MET A 230 -12.42 -38.74 -10.25
C MET A 230 -12.55 -39.93 -9.30
N THR A 231 -12.77 -41.11 -9.86
CA THR A 231 -12.93 -42.33 -9.09
C THR A 231 -11.80 -43.30 -9.41
N ASP A 232 -11.62 -44.29 -8.53
CA ASP A 232 -10.57 -45.28 -8.73
C ASP A 232 -10.79 -46.05 -10.03
N VAL A 233 -12.02 -46.44 -10.29
CA VAL A 233 -12.41 -47.11 -11.54
C VAL A 233 -13.56 -46.32 -12.14
N PRO A 234 -13.79 -46.40 -13.46
CA PRO A 234 -14.79 -45.53 -14.11
C PRO A 234 -16.19 -45.61 -13.52
N GLY A 235 -16.65 -46.80 -13.11
CA GLY A 235 -18.04 -46.96 -12.76
C GLY A 235 -18.35 -47.47 -11.36
N GLN A 236 -17.55 -47.07 -10.37
CA GLN A 236 -17.81 -47.44 -8.99
C GLN A 236 -17.48 -46.27 -8.08
N ARG A 237 -17.98 -46.35 -6.85
CA ARG A 237 -17.63 -45.37 -5.83
C ARG A 237 -16.14 -45.46 -5.52
N PRO A 238 -15.46 -44.35 -5.28
CA PRO A 238 -14.03 -44.42 -4.98
C PRO A 238 -13.79 -45.09 -3.63
N ASN A 239 -13.09 -46.22 -3.66
CA ASN A 239 -12.76 -46.93 -2.43
C ASN A 239 -11.66 -46.20 -1.65
N SER A 240 -12.07 -45.47 -0.61
CA SER A 240 -11.14 -44.64 0.15
C SER A 240 -11.33 -44.74 1.66
N PHE A 241 -12.01 -45.79 2.14
CA PHE A 241 -12.20 -45.93 3.58
C PHE A 241 -10.87 -46.10 4.31
N VAL A 242 -10.01 -46.99 3.80
CA VAL A 242 -8.75 -47.32 4.47
C VAL A 242 -7.85 -46.11 4.64
N PRO A 243 -7.62 -45.27 3.61
CA PRO A 243 -6.78 -44.08 3.83
C PRO A 243 -7.34 -43.11 4.86
N ALA A 244 -8.66 -42.97 4.95
CA ALA A 244 -9.24 -41.93 5.79
C ALA A 244 -9.06 -42.21 7.27
N LEU A 245 -9.19 -43.48 7.68
CA LEU A 245 -9.09 -43.82 9.09
C LEU A 245 -7.70 -43.54 9.64
N LYS A 246 -6.65 -43.78 8.85
CA LYS A 246 -5.30 -43.49 9.31
C LYS A 246 -5.12 -42.00 9.60
N ARG A 247 -5.58 -41.14 8.68
CA ARG A 247 -5.47 -39.71 8.87
C ARG A 247 -6.29 -39.27 10.08
N LEU A 248 -7.50 -39.81 10.23
CA LEU A 248 -8.33 -39.46 11.38
C LEU A 248 -7.67 -39.87 12.69
N SER A 249 -7.11 -41.06 12.74
CA SER A 249 -6.45 -41.53 13.96
C SER A 249 -5.26 -40.66 14.31
N LEU A 250 -4.44 -40.32 13.32
CA LEU A 250 -3.28 -39.48 13.59
C LEU A 250 -3.71 -38.08 14.05
N GLY A 251 -4.72 -37.50 13.39
CA GLY A 251 -5.18 -36.19 13.81
C GLY A 251 -5.77 -36.19 15.20
N LEU A 252 -6.51 -37.23 15.55
CA LEU A 252 -7.08 -37.33 16.89
C LEU A 252 -5.99 -37.54 17.94
N LEU A 253 -4.97 -38.32 17.61
CA LEU A 253 -3.87 -38.53 18.55
C LEU A 253 -3.13 -37.22 18.83
N PHE A 254 -2.80 -36.47 17.77
CA PHE A 254 -2.15 -35.19 17.98
C PHE A 254 -3.05 -34.22 18.75
N LEU A 255 -4.35 -34.21 18.44
CA LEU A 255 -5.26 -33.32 19.15
C LEU A 255 -5.32 -33.65 20.63
N VAL A 256 -5.43 -34.94 20.98
CA VAL A 256 -5.56 -35.30 22.38
C VAL A 256 -4.26 -35.05 23.13
N THR A 257 -3.11 -35.31 22.51
CA THR A 257 -1.85 -35.05 23.21
C THR A 257 -1.64 -33.55 23.40
N TYR A 258 -2.03 -32.74 22.40
CA TYR A 258 -1.91 -31.29 22.55
C TYR A 258 -2.82 -30.76 23.65
N THR A 259 -4.07 -31.22 23.69
CA THR A 259 -4.97 -30.72 24.71
C THR A 259 -4.63 -31.27 26.10
N LEU A 260 -3.95 -32.41 26.17
CA LEU A 260 -3.48 -32.91 27.46
C LEU A 260 -2.27 -32.10 27.95
N SER A 261 -1.36 -31.74 27.05
CA SER A 261 -0.16 -31.00 27.42
C SER A 261 -0.36 -29.49 27.39
N SER A 262 -1.56 -29.01 27.08
CA SER A 262 -1.79 -27.58 27.01
C SER A 262 -1.58 -26.83 28.32
N PRO A 263 -2.15 -27.26 29.46
CA PRO A 263 -2.04 -26.43 30.68
C PRO A 263 -0.61 -26.23 31.16
N TYR A 264 0.29 -27.20 30.93
CA TYR A 264 1.64 -27.08 31.46
C TYR A 264 2.39 -25.90 30.88
N ILE A 265 2.29 -25.70 29.56
CA ILE A 265 3.04 -24.68 28.85
C ILE A 265 2.06 -23.75 28.16
N SER A 266 2.21 -22.45 28.40
CA SER A 266 1.36 -21.43 27.79
C SER A 266 2.17 -20.18 27.55
N GLU A 267 1.67 -19.32 26.66
CA GLU A 267 2.37 -18.09 26.34
C GLU A 267 2.07 -16.98 27.35
N GLU A 268 2.22 -17.29 28.63
CA GLU A 268 2.09 -16.31 29.69
C GLU A 268 3.30 -16.40 30.62
N TYR A 269 3.83 -17.61 30.77
CA TYR A 269 5.07 -17.81 31.50
C TYR A 269 6.24 -17.09 30.85
N LEU A 270 6.13 -16.76 29.56
CA LEU A 270 7.25 -16.17 28.83
C LEU A 270 7.62 -14.79 29.38
N ILE A 271 6.66 -14.06 29.94
CA ILE A 271 6.98 -12.74 30.47
C ILE A 271 6.75 -12.70 31.97
N SER A 272 5.49 -12.78 32.38
CA SER A 272 5.08 -12.91 33.78
C SER A 272 5.54 -11.73 34.65
N ASP A 273 6.31 -10.81 34.06
CA ASP A 273 6.80 -9.60 34.72
C ASP A 273 7.73 -9.90 35.89
N ASP A 274 7.91 -11.16 36.24
CA ASP A 274 8.76 -11.51 37.38
C ASP A 274 9.76 -12.61 37.08
N TYR A 275 9.41 -13.60 36.27
CA TYR A 275 10.27 -14.75 36.03
C TYR A 275 11.33 -14.50 34.97
N MET A 276 11.62 -13.25 34.64
CA MET A 276 12.74 -12.93 33.76
C MET A 276 14.04 -12.82 34.56
N GLU A 277 14.29 -13.82 35.39
CA GLU A 277 15.49 -13.86 36.22
C GLU A 277 16.07 -15.26 36.30
N LYS A 278 15.41 -16.26 35.73
CA LYS A 278 15.87 -17.65 35.81
C LYS A 278 17.19 -17.81 35.07
N PRO A 279 17.94 -18.88 35.36
CA PRO A 279 19.23 -19.08 34.69
C PRO A 279 19.06 -19.10 33.17
N PHE A 280 20.07 -18.55 32.50
CA PHE A 280 19.96 -18.30 31.06
C PHE A 280 19.64 -19.58 30.30
N TRP A 281 20.42 -20.65 30.53
CA TRP A 281 20.24 -21.88 29.78
C TRP A 281 18.81 -22.39 29.90
N PHE A 282 18.28 -22.42 31.13
CA PHE A 282 16.91 -22.88 31.34
C PHE A 282 15.94 -22.10 30.46
N ARG A 283 16.11 -20.78 30.38
CA ARG A 283 15.24 -19.98 29.53
C ARG A 283 15.26 -20.50 28.10
N CYS A 284 16.46 -20.70 27.56
CA CYS A 284 16.57 -21.26 26.21
C CYS A 284 15.86 -22.60 26.14
N GLY A 285 16.05 -23.44 27.16
CA GLY A 285 15.38 -24.73 27.17
C GLY A 285 13.87 -24.59 27.07
N TYR A 286 13.32 -23.58 27.74
CA TYR A 286 11.88 -23.34 27.63
C TYR A 286 11.48 -23.07 26.19
N ILE A 287 12.25 -22.22 25.50
CA ILE A 287 11.95 -21.94 24.10
C ILE A 287 12.08 -23.20 23.26
N LEU A 288 12.89 -24.15 23.71
CA LEU A 288 12.95 -25.44 23.01
C LEU A 288 11.69 -26.25 23.26
N VAL A 289 11.21 -26.28 24.51
CA VAL A 289 9.99 -27.02 24.82
C VAL A 289 8.79 -26.32 24.21
N TRP A 290 8.72 -25.01 24.35
CA TRP A 290 7.71 -24.23 23.64
C TRP A 290 8.02 -24.22 22.16
N GLY A 291 7.08 -23.71 21.38
CA GLY A 291 7.24 -23.71 19.92
C GLY A 291 6.94 -25.05 19.29
N LYS A 292 7.62 -26.10 19.75
CA LYS A 292 7.31 -27.45 19.31
C LYS A 292 5.94 -27.90 19.80
N ILE A 293 5.37 -27.23 20.79
CA ILE A 293 4.06 -27.56 21.32
C ILE A 293 2.97 -26.70 20.67
N ILE A 294 3.23 -25.42 20.48
CA ILE A 294 2.23 -24.54 19.88
C ILE A 294 1.95 -24.93 18.43
N LEU A 295 2.92 -25.57 17.76
CA LEU A 295 2.69 -26.00 16.38
C LEU A 295 1.63 -27.08 16.30
N TYR A 296 1.56 -27.96 17.30
CA TYR A 296 0.56 -29.03 17.28
C TYR A 296 -0.86 -28.48 17.34
N LYS A 297 -1.04 -27.21 17.69
CA LYS A 297 -2.36 -26.60 17.62
C LYS A 297 -2.85 -26.55 16.18
N TYR A 298 -1.95 -26.27 15.23
CA TYR A 298 -2.35 -26.21 13.83
C TYR A 298 -2.51 -27.61 13.23
N VAL A 299 -1.44 -28.40 13.28
CA VAL A 299 -1.30 -29.65 12.54
C VAL A 299 -2.60 -30.45 12.56
N THR A 300 -3.12 -30.71 13.75
CA THR A 300 -4.26 -31.61 13.90
C THR A 300 -5.40 -31.22 12.96
N CYS A 301 -5.80 -29.95 12.97
CA CYS A 301 -6.95 -29.57 12.18
C CYS A 301 -6.73 -29.88 10.71
N TRP A 302 -5.56 -29.53 10.19
CA TRP A 302 -5.25 -29.87 8.81
C TRP A 302 -5.41 -31.36 8.58
N LEU A 303 -4.75 -32.16 9.43
CA LEU A 303 -4.90 -33.61 9.31
C LEU A 303 -6.37 -34.00 9.32
N VAL A 304 -7.13 -33.48 10.28
CA VAL A 304 -8.51 -33.96 10.38
C VAL A 304 -9.31 -33.51 9.17
N THR A 305 -9.02 -32.31 8.64
CA THR A 305 -9.81 -31.91 7.48
C THR A 305 -9.41 -32.72 6.25
N GLU A 306 -8.17 -33.22 6.23
CA GLU A 306 -7.79 -34.16 5.18
C GLU A 306 -8.75 -35.34 5.16
N GLY A 307 -9.17 -35.80 6.34
CA GLY A 307 -10.09 -36.92 6.40
C GLY A 307 -11.42 -36.63 5.72
N VAL A 308 -11.89 -35.38 5.79
CA VAL A 308 -13.14 -35.06 5.12
C VAL A 308 -12.92 -34.66 3.67
N CYS A 309 -11.67 -34.48 3.25
CA CYS A 309 -11.38 -34.11 1.87
C CYS A 309 -10.95 -35.30 1.02
N ILE A 310 -10.47 -36.37 1.64
CA ILE A 310 -10.05 -37.55 0.89
C ILE A 310 -11.20 -38.53 0.68
N LEU A 311 -12.21 -38.51 1.55
CA LEU A 311 -13.31 -39.46 1.44
C LEU A 311 -14.14 -39.22 0.19
N VAL A 312 -14.36 -37.95 -0.17
CA VAL A 312 -15.15 -37.63 -1.35
C VAL A 312 -14.43 -37.92 -2.65
N GLY A 313 -13.15 -38.28 -2.59
CA GLY A 313 -12.39 -38.62 -3.78
C GLY A 313 -11.60 -37.49 -4.38
N LEU A 314 -11.60 -36.30 -3.76
CA LEU A 314 -10.88 -35.16 -4.32
C LEU A 314 -9.37 -35.29 -4.19
N GLY A 315 -8.89 -36.26 -3.41
CA GLY A 315 -7.46 -36.42 -3.19
C GLY A 315 -6.80 -37.40 -4.14
N TYR A 316 -7.44 -37.68 -5.27
CA TYR A 316 -6.90 -38.60 -6.27
C TYR A 316 -6.02 -37.83 -7.24
N ASN A 317 -4.86 -38.42 -7.56
CA ASN A 317 -3.96 -37.85 -8.56
C ASN A 317 -3.44 -38.85 -9.58
N GLY A 318 -3.43 -40.13 -9.27
CA GLY A 318 -2.91 -41.14 -10.18
C GLY A 318 -2.35 -42.32 -9.41
N ASN A 319 -1.68 -43.18 -10.16
CA ASN A 319 -1.05 -44.37 -9.61
C ASN A 319 0.47 -44.25 -9.68
N ASP A 320 1.15 -45.08 -8.90
CA ASP A 320 2.60 -45.08 -8.85
C ASP A 320 3.16 -46.02 -9.91
N GLN A 321 4.46 -46.33 -9.81
CA GLN A 321 5.09 -47.22 -10.77
C GLN A 321 4.47 -48.61 -10.72
N ASN A 322 4.21 -49.13 -9.52
CA ASN A 322 3.60 -50.45 -9.40
C ASN A 322 2.19 -50.46 -9.95
N GLY A 323 1.40 -49.42 -9.66
CA GLY A 323 0.05 -49.34 -10.17
C GLY A 323 -0.98 -49.08 -9.10
N LYS A 324 -0.57 -49.17 -7.83
CA LYS A 324 -1.50 -48.93 -6.74
C LYS A 324 -1.90 -47.46 -6.69
N PRO A 325 -3.12 -47.16 -6.23
CA PRO A 325 -3.56 -45.76 -6.17
C PRO A 325 -2.72 -44.94 -5.21
N VAL A 326 -2.59 -43.65 -5.52
CA VAL A 326 -1.88 -42.69 -4.67
C VAL A 326 -2.90 -41.63 -4.24
N TRP A 327 -3.03 -41.46 -2.94
CA TRP A 327 -4.01 -40.53 -2.38
C TRP A 327 -3.38 -39.27 -1.80
N ASP A 328 -2.06 -39.08 -1.99
CA ASP A 328 -1.37 -37.91 -1.46
C ASP A 328 -1.32 -36.82 -2.54
N ALA A 329 -2.49 -36.26 -2.83
CA ALA A 329 -2.62 -35.20 -3.81
C ALA A 329 -2.88 -33.84 -3.19
N CYS A 330 -3.87 -33.74 -2.31
CA CYS A 330 -4.19 -32.49 -1.62
C CYS A 330 -3.74 -32.49 -0.17
N ALA A 331 -2.72 -33.28 0.16
CA ALA A 331 -2.22 -33.33 1.52
C ALA A 331 -1.63 -32.00 1.93
N ASN A 332 -1.89 -31.59 3.17
CA ASN A 332 -1.36 -30.34 3.71
C ASN A 332 -0.21 -30.56 4.69
N MET A 333 0.09 -31.81 5.04
CA MET A 333 1.17 -32.15 5.95
C MET A 333 1.81 -33.46 5.51
N LYS A 334 3.11 -33.58 5.72
CA LYS A 334 3.86 -34.80 5.41
C LYS A 334 4.59 -35.23 6.68
N VAL A 335 3.91 -36.04 7.50
CA VAL A 335 4.52 -36.55 8.71
C VAL A 335 5.57 -37.61 8.36
N TRP A 336 6.49 -37.85 9.30
CA TRP A 336 7.66 -38.73 9.21
C TRP A 336 8.78 -38.04 8.44
N LEU A 337 8.53 -36.86 7.87
CA LEU A 337 9.59 -36.01 7.35
C LEU A 337 9.63 -34.65 8.03
N TYR A 338 8.52 -34.18 8.60
CA TYR A 338 8.50 -32.95 9.37
C TYR A 338 9.21 -33.11 10.71
N GLU A 339 9.21 -34.32 11.28
CA GLU A 339 9.81 -34.53 12.59
C GLU A 339 11.32 -34.67 12.50
N THR A 340 11.80 -35.68 11.76
CA THR A 340 13.23 -35.99 11.70
C THR A 340 13.81 -35.36 10.43
N THR A 341 14.08 -34.07 10.52
CA THR A 341 14.70 -33.33 9.42
C THR A 341 15.71 -32.32 9.98
N PRO A 342 16.98 -32.73 10.09
CA PRO A 342 17.99 -31.80 10.62
C PRO A 342 18.16 -30.54 9.79
N LEU A 343 17.98 -30.63 8.47
CA LEU A 343 18.17 -29.47 7.61
C LEU A 343 17.13 -28.39 7.91
N PHE A 344 17.56 -27.13 7.82
CA PHE A 344 16.62 -26.02 8.01
C PHE A 344 15.65 -25.91 6.84
N THR A 345 16.07 -26.31 5.65
CA THR A 345 15.20 -26.29 4.48
C THR A 345 14.31 -27.52 4.38
N GLY A 346 14.52 -28.52 5.24
CA GLY A 346 13.68 -29.69 5.25
C GLY A 346 12.37 -29.54 5.99
N THR A 347 12.16 -28.41 6.65
CA THR A 347 10.88 -28.12 7.31
C THR A 347 10.07 -27.09 6.55
N ILE A 348 10.51 -26.69 5.35
CA ILE A 348 9.77 -25.77 4.51
C ILE A 348 8.98 -26.50 3.43
N ALA A 349 9.42 -27.70 3.03
CA ALA A 349 8.71 -28.51 2.05
C ALA A 349 7.81 -29.55 2.70
N SER A 350 7.62 -29.48 4.02
CA SER A 350 6.79 -30.46 4.71
C SER A 350 5.80 -29.83 5.69
N PHE A 351 5.94 -28.55 6.04
CA PHE A 351 5.05 -27.95 7.02
C PHE A 351 3.74 -27.48 6.39
N ASN A 352 3.82 -26.53 5.46
CA ASN A 352 2.59 -25.94 4.92
C ASN A 352 2.29 -26.48 3.53
N ILE A 353 3.33 -26.63 2.70
CA ILE A 353 3.35 -27.37 1.43
C ILE A 353 2.32 -26.86 0.42
N ASN A 354 1.09 -26.61 0.85
CA ASN A 354 0.03 -26.26 -0.10
C ASN A 354 -0.01 -24.76 -0.39
N THR A 355 -0.07 -23.93 0.66
CA THR A 355 -0.04 -22.49 0.45
C THR A 355 1.28 -22.05 -0.17
N ASN A 356 2.37 -22.69 0.22
CA ASN A 356 3.67 -22.41 -0.40
C ASN A 356 3.64 -22.76 -1.89
N ALA A 357 3.04 -23.89 -2.24
CA ALA A 357 2.93 -24.26 -3.65
C ALA A 357 2.08 -23.25 -4.41
N TRP A 358 0.98 -22.80 -3.82
CA TRP A 358 0.14 -21.81 -4.48
C TRP A 358 0.90 -20.51 -4.72
N VAL A 359 1.63 -20.05 -3.70
CA VAL A 359 2.40 -18.80 -3.84
C VAL A 359 3.47 -18.96 -4.91
N ALA A 360 4.18 -20.09 -4.92
CA ALA A 360 5.21 -20.30 -5.92
C ALA A 360 4.62 -20.38 -7.32
N ARG A 361 3.43 -20.96 -7.45
CA ARG A 361 2.84 -21.12 -8.78
C ARG A 361 2.27 -19.82 -9.32
N TYR A 362 1.71 -18.98 -8.44
CA TYR A 362 1.03 -17.78 -8.89
C TYR A 362 1.79 -16.49 -8.56
N VAL A 363 3.06 -16.58 -8.20
CA VAL A 363 3.87 -15.38 -8.05
C VAL A 363 5.14 -15.47 -8.89
N PHE A 364 5.94 -16.51 -8.65
CA PHE A 364 7.18 -16.65 -9.40
C PHE A 364 6.92 -16.84 -10.89
N LYS A 365 5.93 -17.65 -11.25
CA LYS A 365 5.65 -17.91 -12.65
C LYS A 365 5.00 -16.71 -13.35
N ARG A 366 4.50 -15.74 -12.59
CA ARG A 366 3.87 -14.56 -13.16
C ARG A 366 4.76 -13.33 -13.11
N LEU A 367 5.94 -13.42 -12.54
CA LEU A 367 6.88 -12.30 -12.51
C LEU A 367 8.20 -12.70 -13.15
N LYS A 368 8.15 -13.37 -14.29
CA LYS A 368 9.33 -13.75 -15.05
C LYS A 368 9.81 -12.64 -15.97
N PHE A 369 9.08 -11.53 -16.07
CA PHE A 369 9.48 -10.41 -16.91
C PHE A 369 10.29 -9.37 -16.14
N LEU A 370 10.31 -9.43 -14.81
CA LEU A 370 11.25 -8.61 -14.05
C LEU A 370 12.68 -9.06 -14.30
N GLY A 371 12.93 -10.37 -14.16
CA GLY A 371 14.21 -10.95 -14.48
C GLY A 371 15.29 -10.77 -13.44
N ASN A 372 14.99 -10.15 -12.29
CA ASN A 372 16.02 -9.93 -11.28
C ASN A 372 16.43 -11.25 -10.62
N LYS A 373 15.47 -12.13 -10.35
CA LYS A 373 15.60 -13.45 -9.73
C LYS A 373 15.87 -13.34 -8.23
N LEU A 374 16.09 -12.13 -7.71
CA LEU A 374 16.28 -11.94 -6.28
C LEU A 374 15.25 -11.00 -5.66
N LEU A 375 14.64 -10.11 -6.45
CA LEU A 375 13.59 -9.24 -5.94
C LEU A 375 12.29 -10.02 -5.73
N SER A 376 11.95 -10.89 -6.67
CA SER A 376 10.68 -11.61 -6.60
C SER A 376 10.58 -12.43 -5.32
N GLN A 377 11.65 -13.15 -4.97
CA GLN A 377 11.65 -13.96 -3.76
C GLN A 377 11.40 -13.12 -2.51
N ALA A 378 11.68 -11.81 -2.56
CA ALA A 378 11.26 -10.93 -1.48
C ALA A 378 9.79 -10.54 -1.61
N LEU A 379 9.37 -10.10 -2.81
CA LEU A 379 8.02 -9.60 -2.99
C LEU A 379 6.98 -10.62 -2.57
N ALA A 380 7.13 -11.86 -3.03
CA ALA A 380 6.23 -12.93 -2.62
C ALA A 380 6.10 -13.00 -1.11
N LEU A 381 7.24 -12.99 -0.41
CA LEU A 381 7.19 -13.06 1.05
C LEU A 381 6.43 -11.87 1.62
N PHE A 382 6.64 -10.68 1.05
CA PHE A 382 5.88 -9.52 1.50
C PHE A 382 4.39 -9.76 1.36
N PHE A 383 3.97 -10.35 0.24
CA PHE A 383 2.57 -10.73 0.09
C PHE A 383 2.17 -11.71 1.19
N LEU A 384 3.01 -12.72 1.42
CA LEU A 384 2.73 -13.66 2.51
C LEU A 384 2.80 -12.99 3.87
N ALA A 385 3.49 -11.85 3.97
CA ALA A 385 3.53 -11.09 5.22
C ALA A 385 2.31 -10.21 5.39
N ILE A 386 1.50 -10.03 4.34
CA ILE A 386 0.29 -9.24 4.44
C ILE A 386 -0.97 -10.11 4.46
N TRP A 387 -0.94 -11.27 3.80
CA TRP A 387 -2.10 -12.15 3.80
C TRP A 387 -2.41 -12.68 5.20
N HIS A 388 -1.36 -12.91 6.00
CA HIS A 388 -1.58 -13.40 7.36
C HIS A 388 -2.28 -12.37 8.23
N GLY A 389 -1.76 -11.14 8.25
CA GLY A 389 -2.33 -10.13 9.12
C GLY A 389 -1.71 -8.77 8.86
N LEU A 390 -2.06 -7.83 9.74
CA LEU A 390 -1.59 -6.46 9.63
C LEU A 390 -0.69 -6.05 10.79
N HIS A 391 -0.30 -7.00 11.63
CA HIS A 391 0.54 -6.70 12.78
C HIS A 391 2.02 -6.67 12.34
N SER A 392 2.93 -6.64 13.31
CA SER A 392 4.35 -6.49 13.02
C SER A 392 5.14 -7.77 13.23
N GLY A 393 4.65 -8.71 14.04
CA GLY A 393 5.41 -9.92 14.31
C GLY A 393 5.61 -10.78 13.07
N TYR A 394 4.62 -10.79 12.17
CA TYR A 394 4.70 -11.64 10.99
C TYR A 394 5.87 -11.24 10.10
N LEU A 395 6.10 -9.94 9.92
CA LEU A 395 7.20 -9.48 9.10
C LEU A 395 8.54 -9.94 9.65
N VAL A 396 8.72 -9.82 10.97
CA VAL A 396 9.98 -10.23 11.58
C VAL A 396 10.16 -11.74 11.50
N CYS A 397 9.08 -12.49 11.69
CA CYS A 397 9.17 -13.94 11.58
C CYS A 397 9.58 -14.37 10.18
N PHE A 398 8.97 -13.76 9.16
CA PHE A 398 9.31 -14.13 7.79
C PHE A 398 10.72 -13.68 7.42
N GLN A 399 11.15 -12.52 7.92
CA GLN A 399 12.52 -12.08 7.69
C GLN A 399 13.51 -13.05 8.32
N MET A 400 13.22 -13.52 9.54
CA MET A 400 14.09 -14.51 10.18
C MET A 400 14.11 -15.81 9.39
N GLU A 401 12.96 -16.23 8.87
CA GLU A 401 12.93 -17.45 8.06
C GLU A 401 13.78 -17.31 6.80
N LEU A 402 13.68 -16.15 6.14
CA LEU A 402 14.49 -15.90 4.96
C LEU A 402 15.99 -15.92 5.30
N LEU A 403 16.35 -15.26 6.40
CA LEU A 403 17.76 -15.23 6.80
C LEU A 403 18.28 -16.63 7.12
N ILE A 404 17.50 -17.41 7.86
CA ILE A 404 17.96 -18.74 8.25
C ILE A 404 18.06 -19.66 7.04
N VAL A 405 17.13 -19.55 6.09
CA VAL A 405 17.22 -20.43 4.92
C VAL A 405 18.41 -20.02 4.05
N ILE A 406 18.69 -18.73 3.91
CA ILE A 406 19.86 -18.31 3.15
C ILE A 406 21.15 -18.79 3.82
N VAL A 407 21.24 -18.66 5.15
CA VAL A 407 22.44 -19.10 5.85
C VAL A 407 22.61 -20.60 5.71
N GLU A 408 21.53 -21.36 5.83
CA GLU A 408 21.61 -22.81 5.66
C GLU A 408 22.05 -23.19 4.26
N ARG A 409 21.52 -22.48 3.24
CA ARG A 409 21.94 -22.75 1.87
C ARG A 409 23.43 -22.46 1.70
N GLN A 410 23.92 -21.35 2.26
CA GLN A 410 25.34 -21.05 2.14
C GLN A 410 26.20 -22.11 2.82
N VAL A 411 25.79 -22.54 4.02
CA VAL A 411 26.58 -23.54 4.74
C VAL A 411 26.59 -24.87 3.99
N ILE A 412 25.42 -25.31 3.49
CA ILE A 412 25.38 -26.57 2.77
C ILE A 412 26.07 -26.46 1.41
N ASN A 413 26.22 -25.24 0.87
CA ASN A 413 26.98 -25.06 -0.35
C ASN A 413 28.48 -25.14 -0.07
N LEU A 414 28.92 -24.65 1.10
CA LEU A 414 30.34 -24.71 1.43
C LEU A 414 30.83 -26.14 1.53
N VAL A 415 30.03 -27.01 2.14
CA VAL A 415 30.41 -28.41 2.36
C VAL A 415 29.82 -29.26 1.24
N ARG A 416 30.52 -30.35 0.91
CA ARG A 416 30.08 -31.36 -0.05
C ARG A 416 30.14 -30.85 -1.49
N ASP A 417 30.51 -29.58 -1.67
CA ASP A 417 30.71 -29.00 -2.99
C ASP A 417 32.17 -28.61 -3.22
N SER A 418 32.75 -27.85 -2.30
CA SER A 418 34.20 -27.60 -2.31
C SER A 418 34.77 -27.88 -0.92
N PRO A 419 34.65 -29.12 -0.45
CA PRO A 419 34.97 -29.38 0.97
C PRO A 419 36.45 -29.41 1.28
N THR A 420 37.26 -30.05 0.44
CA THR A 420 38.67 -30.35 0.72
C THR A 420 38.70 -31.12 2.04
N LEU A 421 39.19 -30.54 3.14
CA LEU A 421 39.29 -31.26 4.40
C LEU A 421 37.92 -31.54 5.01
N SER A 422 36.87 -30.84 4.54
CA SER A 422 35.61 -30.81 5.28
C SER A 422 34.94 -32.18 5.35
N THR A 423 34.74 -32.84 4.22
CA THR A 423 34.01 -34.11 4.23
C THR A 423 34.84 -35.23 4.83
N LEU A 424 36.12 -35.34 4.43
CA LEU A 424 36.94 -36.42 4.95
C LEU A 424 37.25 -36.27 6.43
N ALA A 425 37.05 -35.08 7.01
CA ALA A 425 37.13 -34.94 8.45
C ALA A 425 36.03 -35.74 9.14
N SER A 426 34.81 -35.65 8.62
CA SER A 426 33.72 -36.47 9.15
C SER A 426 33.89 -37.93 8.75
N ILE A 427 34.25 -38.17 7.50
CA ILE A 427 34.54 -39.49 6.91
C ILE A 427 33.44 -40.51 7.21
N THR A 428 32.27 -40.02 7.65
CA THR A 428 31.11 -40.86 7.95
C THR A 428 31.46 -41.98 8.93
N ALA A 429 32.42 -41.74 9.82
CA ALA A 429 32.76 -42.75 10.82
C ALA A 429 31.62 -42.94 11.81
N LEU A 430 31.14 -41.86 12.40
CA LEU A 430 30.03 -41.86 13.35
C LEU A 430 29.39 -40.48 13.33
N GLN A 431 28.06 -40.44 13.26
CA GLN A 431 27.33 -39.16 13.28
C GLN A 431 26.10 -39.24 14.19
N PRO A 432 26.24 -39.79 15.43
CA PRO A 432 25.12 -39.64 16.38
C PRO A 432 25.12 -38.26 17.02
N ILE A 433 26.30 -37.81 17.44
CA ILE A 433 26.44 -36.53 18.13
C ILE A 433 26.15 -35.38 17.18
N PHE A 434 26.66 -35.46 15.95
CA PHE A 434 26.37 -34.42 14.97
C PHE A 434 24.88 -34.34 14.69
N TYR A 435 24.22 -35.49 14.55
CA TYR A 435 22.79 -35.50 14.27
C TYR A 435 21.99 -34.90 15.42
N VAL A 436 22.32 -35.28 16.67
CA VAL A 436 21.54 -34.78 17.80
C VAL A 436 21.80 -33.29 18.00
N LEU A 437 23.04 -32.84 17.82
CA LEU A 437 23.33 -31.41 17.93
C LEU A 437 22.60 -30.62 16.86
N GLN A 438 22.59 -31.12 15.62
CA GLN A 438 21.87 -30.44 14.55
C GLN A 438 20.37 -30.38 14.84
N GLN A 439 19.81 -31.48 15.36
CA GLN A 439 18.37 -31.50 15.65
C GLN A 439 18.03 -30.50 16.75
N THR A 440 18.84 -30.46 17.82
CA THR A 440 18.60 -29.50 18.89
C THR A 440 18.72 -28.08 18.39
N ASN A 441 19.74 -27.80 17.56
CA ASN A 441 19.91 -26.48 16.97
C ASN A 441 18.69 -26.10 16.13
N HIS A 442 18.20 -27.04 15.32
CA HIS A 442 17.04 -26.77 14.48
C HIS A 442 15.82 -26.44 15.32
N TRP A 443 15.54 -27.25 16.34
CA TRP A 443 14.38 -26.98 17.19
C TRP A 443 14.51 -25.61 17.87
N MET A 444 15.67 -25.33 18.45
CA MET A 444 15.85 -24.10 19.21
C MET A 444 15.70 -22.88 18.31
N PHE A 445 16.34 -22.89 17.14
CA PHE A 445 16.30 -21.73 16.26
C PHE A 445 15.07 -21.69 15.36
N MET A 446 14.20 -22.71 15.41
CA MET A 446 12.88 -22.51 14.85
C MET A 446 11.91 -21.94 15.87
N GLY A 447 11.97 -22.41 17.12
CA GLY A 447 11.15 -21.81 18.15
C GLY A 447 11.51 -20.37 18.43
N TYR A 448 12.81 -20.05 18.36
CA TYR A 448 13.28 -18.70 18.61
C TYR A 448 12.73 -17.70 17.60
N SER A 449 12.46 -18.15 16.37
CA SER A 449 11.83 -17.30 15.37
C SER A 449 10.32 -17.43 15.36
N LEU A 450 9.78 -18.49 15.93
CA LEU A 450 8.33 -18.62 16.05
C LEU A 450 7.77 -17.84 17.24
N VAL A 451 8.63 -17.42 18.17
CA VAL A 451 8.15 -16.60 19.30
C VAL A 451 7.39 -15.37 18.84
N PRO A 452 7.89 -14.54 17.91
CA PRO A 452 7.12 -13.35 17.51
C PRO A 452 5.85 -13.67 16.73
N PHE A 453 5.65 -14.93 16.32
CA PHE A 453 4.43 -15.27 15.60
C PHE A 453 3.22 -15.29 16.52
N CYS A 454 3.37 -15.83 17.73
CA CYS A 454 2.27 -15.90 18.68
C CYS A 454 2.12 -14.65 19.54
N LEU A 455 3.12 -13.76 19.52
CA LEU A 455 3.07 -12.50 20.24
C LEU A 455 3.34 -11.39 19.24
N PHE A 456 2.29 -10.69 18.81
CA PHE A 456 2.41 -9.75 17.70
C PHE A 456 2.07 -8.33 18.12
N THR A 457 2.58 -7.90 19.27
CA THR A 457 2.44 -6.52 19.72
C THR A 457 3.82 -5.89 19.82
N TRP A 458 3.86 -4.56 19.66
CA TRP A 458 5.13 -3.84 19.71
C TRP A 458 5.79 -3.91 21.07
N ASP A 459 5.04 -4.21 22.13
CA ASP A 459 5.57 -4.16 23.48
C ASP A 459 5.95 -5.54 24.01
N LYS A 460 5.00 -6.48 24.02
CA LYS A 460 5.27 -7.80 24.57
C LYS A 460 6.35 -8.53 23.78
N TRP A 461 6.33 -8.41 22.45
CA TRP A 461 7.33 -9.07 21.62
C TRP A 461 8.74 -8.68 22.05
N MET A 462 9.02 -7.38 22.09
CA MET A 462 10.37 -6.93 22.44
C MET A 462 10.70 -7.22 23.90
N LYS A 463 9.70 -7.13 24.78
CA LYS A 463 9.94 -7.40 26.20
C LYS A 463 10.36 -8.85 26.43
N VAL A 464 9.71 -9.79 25.72
CA VAL A 464 10.09 -11.19 25.89
C VAL A 464 11.31 -11.56 25.03
N TYR A 465 11.59 -10.79 23.99
CA TYR A 465 12.69 -11.10 23.08
C TYR A 465 14.03 -10.52 23.52
N LYS A 466 14.02 -9.45 24.31
CA LYS A 466 15.27 -8.83 24.74
C LYS A 466 15.99 -9.62 25.82
N SER A 467 15.27 -10.39 26.64
CA SER A 467 15.90 -11.17 27.70
C SER A 467 16.83 -12.26 27.16
N ILE A 468 16.74 -12.60 25.87
CA ILE A 468 17.61 -13.58 25.26
C ILE A 468 18.83 -12.94 24.61
N TYR A 469 18.99 -11.62 24.75
CA TYR A 469 20.15 -10.88 24.26
C TYR A 469 20.24 -10.87 22.73
N PHE A 470 19.09 -10.96 22.05
CA PHE A 470 19.02 -10.86 20.59
C PHE A 470 19.95 -11.85 19.93
N LEU A 471 20.00 -13.08 20.47
CA LEU A 471 21.06 -14.02 20.09
C LEU A 471 21.00 -14.39 18.62
N GLY A 472 19.81 -14.73 18.12
CA GLY A 472 19.71 -15.30 16.78
C GLY A 472 20.10 -14.33 15.68
N HIS A 473 19.56 -13.10 15.71
CA HIS A 473 19.89 -12.13 14.68
C HIS A 473 21.37 -11.80 14.65
N VAL A 474 21.98 -11.52 15.82
CA VAL A 474 23.38 -11.14 15.83
C VAL A 474 24.25 -12.33 15.39
N LEU A 475 23.95 -13.52 15.89
CA LEU A 475 24.76 -14.69 15.53
C LEU A 475 24.68 -14.98 14.04
N PHE A 476 23.48 -14.94 13.48
CA PHE A 476 23.33 -15.25 12.06
C PHE A 476 23.88 -14.13 11.18
N PHE A 477 23.81 -12.88 11.63
CA PHE A 477 24.44 -11.80 10.89
C PHE A 477 25.95 -11.97 10.85
N THR A 478 26.56 -12.32 11.98
CA THR A 478 27.99 -12.56 12.00
C THR A 478 28.36 -13.74 11.09
N LEU A 479 27.58 -14.83 11.16
CA LEU A 479 27.86 -15.96 10.29
C LEU A 479 27.74 -15.59 8.82
N LEU A 480 26.70 -14.82 8.47
CA LEU A 480 26.51 -14.41 7.08
C LEU A 480 27.65 -13.53 6.60
N LEU A 481 28.12 -12.62 7.46
CA LEU A 481 29.19 -11.71 7.06
C LEU A 481 30.57 -12.37 7.07
N VAL A 482 30.74 -13.47 7.79
CA VAL A 482 32.05 -14.10 7.90
C VAL A 482 32.21 -15.25 6.91
N LEU A 483 31.11 -15.96 6.62
CA LEU A 483 31.20 -17.16 5.81
C LEU A 483 31.86 -16.96 4.45
N PRO A 484 31.55 -15.92 3.67
CA PRO A 484 32.28 -15.75 2.39
C PRO A 484 33.78 -15.62 2.58
N TYR A 485 34.23 -14.95 3.65
CA TYR A 485 35.67 -14.76 3.85
C TYR A 485 36.35 -16.09 4.15
N ILE A 486 35.77 -16.89 5.04
CA ILE A 486 36.38 -18.19 5.36
C ILE A 486 36.27 -19.14 4.17
N ARG A 487 35.21 -19.00 3.36
CA ARG A 487 35.11 -19.80 2.14
C ARG A 487 36.22 -19.44 1.16
N LYS A 488 36.50 -18.14 1.00
CA LYS A 488 37.61 -17.71 0.15
C LYS A 488 38.94 -18.19 0.73
N LEU A 489 39.05 -18.27 2.05
CA LEU A 489 40.26 -18.80 2.67
C LEU A 489 40.47 -20.25 2.29
N LEU A 490 39.39 -21.04 2.26
CA LEU A 490 39.48 -22.45 1.88
C LEU A 490 39.06 -22.64 0.43
N LEU B 42 9.62 33.87 21.06
CA LEU B 42 9.15 34.62 22.23
C LEU B 42 7.63 34.53 22.36
N ALA B 43 7.17 34.28 23.59
CA ALA B 43 5.73 34.17 23.83
C ALA B 43 5.06 35.55 23.81
N ARG B 44 5.79 36.61 24.14
CA ARG B 44 5.21 37.94 24.17
C ARG B 44 4.71 38.37 22.80
N VAL B 45 5.56 38.22 21.78
CA VAL B 45 5.14 38.57 20.42
C VAL B 45 4.06 37.63 19.93
N ALA B 46 4.12 36.35 20.32
CA ALA B 46 3.09 35.40 19.92
C ALA B 46 1.72 35.80 20.44
N GLU B 47 1.66 36.22 21.71
CA GLU B 47 0.38 36.66 22.27
C GLU B 47 -0.02 38.04 21.75
N ALA B 48 0.95 38.87 21.38
CA ALA B 48 0.62 40.19 20.85
C ALA B 48 0.01 40.10 19.45
N LEU B 49 0.57 39.25 18.59
CA LEU B 49 0.08 39.14 17.23
C LEU B 49 -1.22 38.36 17.13
N GLY B 50 -1.64 37.68 18.19
CA GLY B 50 -2.89 36.96 18.16
C GLY B 50 -2.86 35.62 17.46
N SER B 51 -1.67 35.09 17.16
CA SER B 51 -1.53 33.80 16.49
C SER B 51 -0.45 32.99 17.18
N SER B 52 -0.48 31.68 16.94
CA SER B 52 0.49 30.79 17.55
C SER B 52 1.89 31.10 17.04
N GLU B 53 2.89 30.75 17.86
CA GLU B 53 4.27 31.08 17.53
C GLU B 53 4.78 30.33 16.31
N GLN B 54 4.16 29.20 15.96
CA GLN B 54 4.61 28.45 14.79
C GLN B 54 4.43 29.25 13.52
N ALA B 55 3.26 29.87 13.35
CA ALA B 55 3.00 30.66 12.14
C ALA B 55 3.92 31.86 12.07
N LEU B 56 4.13 32.55 13.19
CA LEU B 56 5.03 33.70 13.20
C LEU B 56 6.45 33.28 12.86
N ARG B 57 6.90 32.15 13.41
CA ARG B 57 8.24 31.66 13.11
C ARG B 57 8.38 31.32 11.63
N LEU B 58 7.37 30.68 11.06
CA LEU B 58 7.41 30.35 9.64
C LEU B 58 7.46 31.62 8.79
N ILE B 59 6.64 32.62 9.13
CA ILE B 59 6.61 33.85 8.33
C ILE B 59 7.95 34.58 8.42
N VAL B 60 8.51 34.66 9.63
CA VAL B 60 9.79 35.36 9.77
C VAL B 60 10.90 34.58 9.06
N SER B 61 10.85 33.25 9.07
CA SER B 61 11.83 32.47 8.34
C SER B 61 11.73 32.71 6.84
N ILE B 62 10.50 32.76 6.32
CA ILE B 62 10.31 33.03 4.90
C ILE B 62 10.83 34.42 4.55
N LEU B 63 10.51 35.41 5.38
CA LEU B 63 10.95 36.78 5.13
C LEU B 63 12.46 36.94 5.27
N MET B 64 13.12 36.08 6.06
CA MET B 64 14.56 36.19 6.27
C MET B 64 15.38 35.89 5.02
N GLY B 65 14.76 35.34 3.98
CA GLY B 65 15.51 35.01 2.77
C GLY B 65 15.92 36.22 1.96
N TYR B 66 15.21 37.34 2.11
CA TYR B 66 15.51 38.52 1.29
C TYR B 66 16.90 39.09 1.55
N PRO B 67 17.35 39.29 2.78
CA PRO B 67 18.75 39.69 2.96
C PRO B 67 19.74 38.66 2.41
N PHE B 68 19.39 37.37 2.48
CA PHE B 68 20.25 36.35 1.89
C PHE B 68 20.40 36.56 0.39
N ALA B 69 19.28 36.78 -0.30
CA ALA B 69 19.32 37.00 -1.74
C ALA B 69 20.06 38.28 -2.09
N LEU B 70 19.85 39.34 -1.30
CA LEU B 70 20.55 40.60 -1.56
C LEU B 70 22.06 40.43 -1.38
N PHE B 71 22.46 39.69 -0.34
CA PHE B 71 23.89 39.43 -0.14
C PHE B 71 24.46 38.58 -1.27
N GLN B 72 23.71 37.57 -1.72
CA GLN B 72 24.20 36.71 -2.79
C GLN B 72 24.37 37.48 -4.10
N ARG B 73 23.41 38.35 -4.43
CA ARG B 73 23.43 39.02 -5.72
C ARG B 73 24.59 40.00 -5.86
N TYR B 74 25.15 40.48 -4.76
CA TYR B 74 26.16 41.53 -4.82
C TYR B 74 27.58 41.05 -4.55
N PHE B 75 27.77 39.87 -3.96
CA PHE B 75 29.10 39.43 -3.54
C PHE B 75 29.54 38.16 -4.26
N LEU B 76 28.93 37.83 -5.39
CA LEU B 76 29.26 36.58 -6.09
C LEU B 76 29.32 36.81 -7.61
N PHE B 77 29.97 37.90 -8.03
CA PHE B 77 30.17 38.11 -9.46
C PHE B 77 31.06 37.03 -10.04
N GLN B 78 32.23 36.80 -9.44
CA GLN B 78 33.03 35.63 -9.79
C GLN B 78 32.29 34.38 -9.35
N LYS B 79 32.32 33.34 -10.17
CA LYS B 79 31.43 32.20 -9.94
C LYS B 79 31.98 31.27 -8.87
N GLU B 80 33.05 30.52 -9.20
CA GLU B 80 33.59 29.51 -8.31
C GLU B 80 32.48 28.70 -7.65
N THR B 81 31.73 27.95 -8.45
CA THR B 81 30.45 27.34 -8.10
C THR B 81 30.38 26.76 -6.68
N TYR B 82 31.48 26.19 -6.20
CA TYR B 82 31.45 25.57 -4.88
C TYR B 82 31.13 26.59 -3.78
N LEU B 83 31.49 27.85 -3.98
CA LEU B 83 31.05 28.88 -3.03
C LEU B 83 29.53 29.00 -3.00
N ILE B 84 28.89 29.00 -4.17
CA ILE B 84 27.43 29.07 -4.20
C ILE B 84 26.83 27.84 -3.53
N HIS B 85 27.39 26.66 -3.81
CA HIS B 85 26.84 25.43 -3.24
C HIS B 85 26.96 25.45 -1.72
N LEU B 86 28.13 25.83 -1.20
CA LEU B 86 28.31 25.89 0.26
C LEU B 86 27.41 26.95 0.88
N TYR B 87 27.25 28.09 0.22
CA TYR B 87 26.38 29.14 0.75
C TYR B 87 24.94 28.64 0.83
N ASN B 88 24.47 27.96 -0.23
CA ASN B 88 23.12 27.43 -0.22
C ASN B 88 22.94 26.39 0.88
N VAL B 89 23.92 25.50 1.04
CA VAL B 89 23.81 24.47 2.07
C VAL B 89 23.75 25.11 3.46
N PHE B 90 24.63 26.08 3.71
CA PHE B 90 24.66 26.73 5.02
C PHE B 90 23.36 27.46 5.31
N THR B 91 22.85 28.21 4.32
CA THR B 91 21.63 28.97 4.56
C THR B 91 20.44 28.05 4.75
N GLY B 92 20.33 26.98 3.96
CA GLY B 92 19.25 26.04 4.14
C GLY B 92 19.30 25.33 5.48
N LEU B 93 20.49 24.93 5.92
CA LEU B 93 20.64 24.31 7.22
C LEU B 93 20.29 25.27 8.35
N SER B 94 20.69 26.54 8.23
CA SER B 94 20.32 27.53 9.24
C SER B 94 18.81 27.72 9.29
N ILE B 95 18.16 27.79 8.13
CA ILE B 95 16.71 27.95 8.09
C ILE B 95 16.02 26.75 8.73
N ALA B 96 16.51 25.54 8.42
CA ALA B 96 15.93 24.35 9.05
C ALA B 96 16.15 24.36 10.56
N TYR B 97 17.32 24.81 11.00
CA TYR B 97 17.62 24.90 12.43
C TYR B 97 16.71 25.87 13.16
N PHE B 98 16.44 27.04 12.59
CA PHE B 98 15.65 28.06 13.26
C PHE B 98 14.19 27.67 13.40
N ASN B 99 13.72 26.66 12.67
CA ASN B 99 12.32 26.25 12.73
C ASN B 99 12.20 24.91 13.46
N PHE B 100 12.92 23.90 12.98
CA PHE B 100 12.95 22.59 13.61
C PHE B 100 14.37 22.34 14.12
N GLY B 101 14.55 22.57 15.42
CA GLY B 101 15.89 22.67 15.97
C GLY B 101 16.72 21.41 15.82
N MET B 102 16.24 20.30 16.42
CA MET B 102 17.08 19.13 16.60
C MET B 102 16.74 18.02 15.61
N GLN B 103 15.60 18.12 14.95
CA GLN B 103 15.10 17.03 14.12
C GLN B 103 15.60 17.11 12.67
N PHE B 104 16.22 18.23 12.29
CA PHE B 104 16.56 18.50 10.90
C PHE B 104 17.44 17.42 10.28
N PHE B 105 18.20 16.68 11.10
CA PHE B 105 19.09 15.67 10.56
C PHE B 105 18.34 14.62 9.75
N HIS B 106 17.07 14.38 10.06
CA HIS B 106 16.29 13.46 9.25
C HIS B 106 16.31 13.86 7.77
N SER B 107 16.20 15.15 7.48
CA SER B 107 16.31 15.61 6.10
C SER B 107 17.64 15.18 5.49
N LEU B 108 18.74 15.36 6.23
CA LEU B 108 20.03 14.88 5.74
C LEU B 108 20.00 13.38 5.51
N LEU B 109 19.35 12.64 6.41
CA LEU B 109 19.24 11.20 6.27
C LEU B 109 18.53 10.77 5.00
N CYS B 110 17.91 11.71 4.29
CA CYS B 110 17.32 11.43 2.98
C CYS B 110 18.18 11.89 1.82
N VAL B 111 18.97 12.95 2.00
CA VAL B 111 19.80 13.46 0.91
C VAL B 111 20.95 12.50 0.62
N LEU B 112 21.62 12.02 1.66
CA LEU B 112 22.80 11.17 1.47
C LEU B 112 22.43 9.81 0.88
N ILE B 113 21.40 9.17 1.45
CA ILE B 113 21.04 7.82 1.02
C ILE B 113 20.72 7.79 -0.47
N GLN B 114 19.93 8.75 -0.93
CA GLN B 114 19.62 8.83 -2.36
C GLN B 114 20.90 8.93 -3.19
N PHE B 115 21.88 9.72 -2.72
CA PHE B 115 23.13 9.84 -3.45
C PHE B 115 23.79 8.49 -3.64
N LEU B 116 23.67 7.60 -2.66
CA LEU B 116 24.14 6.23 -2.84
C LEU B 116 23.30 5.52 -3.90
N ILE B 117 21.98 5.56 -3.75
CA ILE B 117 21.09 4.86 -4.69
C ILE B 117 21.24 5.45 -6.08
N LEU B 118 21.45 6.77 -6.16
CA LEU B 118 21.66 7.40 -7.45
C LEU B 118 23.01 7.02 -8.05
N ARG B 119 24.00 6.71 -7.21
CA ARG B 119 25.33 6.40 -7.73
C ARG B 119 25.37 5.01 -8.34
N LEU B 120 25.16 3.99 -7.53
CA LEU B 120 25.13 2.61 -8.01
C LEU B 120 23.82 2.35 -8.76
N MET B 121 23.85 1.34 -9.61
CA MET B 121 22.74 1.00 -10.52
C MET B 121 22.13 2.27 -11.13
N GLY B 122 23.01 3.10 -11.71
CA GLY B 122 22.60 4.44 -12.10
C GLY B 122 21.52 4.48 -13.16
N ARG B 123 21.66 3.67 -14.22
CA ARG B 123 20.77 3.75 -15.37
C ARG B 123 19.79 2.59 -15.46
N THR B 124 19.70 1.75 -14.44
CA THR B 124 18.80 0.61 -14.47
C THR B 124 17.37 1.04 -14.16
N VAL B 125 16.42 0.18 -14.51
CA VAL B 125 15.02 0.45 -14.23
C VAL B 125 14.75 0.34 -12.72
N THR B 126 15.38 -0.65 -12.07
CA THR B 126 15.09 -0.92 -10.67
C THR B 126 15.50 0.22 -9.75
N ALA B 127 16.40 1.09 -10.18
CA ALA B 127 16.78 2.23 -9.35
C ALA B 127 15.59 3.14 -9.10
N VAL B 128 14.80 3.42 -10.14
CA VAL B 128 13.61 4.23 -9.99
C VAL B 128 12.64 3.57 -9.01
N PHE B 129 12.42 2.26 -9.16
CA PHE B 129 11.50 1.55 -8.28
C PHE B 129 11.96 1.63 -6.84
N THR B 130 13.24 1.37 -6.58
CA THR B 130 13.71 1.33 -5.20
C THR B 130 13.70 2.72 -4.57
N THR B 131 14.08 3.76 -5.32
CA THR B 131 14.05 5.10 -4.74
C THR B 131 12.61 5.55 -4.49
N PHE B 132 11.69 5.21 -5.40
CA PHE B 132 10.29 5.56 -5.20
C PHE B 132 9.74 4.89 -3.95
N VAL B 133 9.99 3.58 -3.81
CA VAL B 133 9.48 2.86 -2.65
C VAL B 133 10.09 3.39 -1.36
N PHE B 134 11.41 3.64 -1.35
CA PHE B 134 12.06 4.12 -0.15
C PHE B 134 11.53 5.49 0.26
N GLN B 135 11.41 6.42 -0.70
CA GLN B 135 10.90 7.74 -0.36
C GLN B 135 9.46 7.67 0.13
N MET B 136 8.61 6.89 -0.55
CA MET B 136 7.21 6.81 -0.15
C MET B 136 7.09 6.20 1.23
N THR B 137 7.83 5.14 1.54
CA THR B 137 7.70 4.52 2.85
C THR B 137 8.27 5.40 3.95
N TYR B 138 9.34 6.16 3.66
CA TYR B 138 9.84 7.10 4.66
C TYR B 138 8.80 8.17 4.96
N LEU B 139 8.18 8.73 3.92
CA LEU B 139 7.15 9.74 4.13
C LEU B 139 5.95 9.17 4.89
N MET B 140 5.54 7.95 4.55
CA MET B 140 4.40 7.35 5.24
C MET B 140 4.71 7.05 6.70
N ALA B 141 5.92 6.58 6.99
CA ALA B 141 6.31 6.35 8.37
C ALA B 141 6.32 7.66 9.15
N GLY B 142 6.87 8.72 8.55
CA GLY B 142 6.85 10.01 9.22
C GLY B 142 5.45 10.50 9.51
N TYR B 143 4.55 10.36 8.51
CA TYR B 143 3.17 10.80 8.70
C TYR B 143 2.47 9.98 9.77
N TYR B 144 2.68 8.66 9.78
CA TYR B 144 2.02 7.80 10.76
C TYR B 144 2.51 8.09 12.16
N PHE B 145 3.81 8.33 12.34
CA PHE B 145 4.32 8.63 13.67
C PHE B 145 4.06 10.08 14.08
N THR B 146 3.73 10.94 13.14
CA THR B 146 3.56 12.37 13.40
C THR B 146 2.10 12.79 13.51
N ALA B 147 1.17 12.02 12.94
CA ALA B 147 -0.22 12.43 12.76
C ALA B 147 -0.83 13.00 14.03
N THR B 148 -1.44 14.18 13.90
CA THR B 148 -2.09 14.86 15.01
C THR B 148 -3.47 15.31 14.52
N GLU B 149 -4.35 15.74 15.43
CA GLU B 149 -5.72 16.09 15.06
C GLU B 149 -5.91 17.57 14.74
N HIS B 150 -4.87 18.39 14.85
CA HIS B 150 -4.92 19.79 14.47
C HIS B 150 -3.97 20.05 13.31
N TYR B 151 -4.11 21.23 12.70
CA TYR B 151 -3.17 21.66 11.66
C TYR B 151 -1.91 22.17 12.33
N ASP B 152 -0.85 21.37 12.30
CA ASP B 152 0.40 21.68 12.97
C ASP B 152 1.50 21.85 11.94
N ILE B 153 2.30 22.90 12.08
CA ILE B 153 3.44 23.14 11.20
C ILE B 153 4.62 22.38 11.80
N LYS B 154 4.73 21.11 11.47
CA LYS B 154 5.74 20.23 12.01
C LYS B 154 6.77 19.87 10.93
N TRP B 155 7.66 18.94 11.26
CA TRP B 155 8.73 18.45 10.39
C TRP B 155 8.24 18.06 8.99
N THR B 156 6.95 17.78 8.82
CA THR B 156 6.51 17.04 7.64
C THR B 156 6.77 17.80 6.34
N MET B 157 6.31 19.06 6.25
CA MET B 157 6.23 19.70 4.94
C MET B 157 7.58 19.90 4.23
N PRO B 158 8.66 20.35 4.87
CA PRO B 158 9.93 20.45 4.12
C PRO B 158 10.39 19.10 3.61
N HIS B 159 10.21 18.04 4.40
CA HIS B 159 10.60 16.71 3.96
C HIS B 159 9.70 16.23 2.83
N CYS B 160 8.42 16.61 2.84
CA CYS B 160 7.53 16.23 1.75
C CYS B 160 7.99 16.87 0.44
N VAL B 161 8.26 18.18 0.48
CA VAL B 161 8.75 18.87 -0.71
C VAL B 161 10.07 18.25 -1.17
N LEU B 162 10.98 17.98 -0.23
CA LEU B 162 12.27 17.42 -0.58
C LEU B 162 12.13 16.05 -1.23
N THR B 163 11.27 15.19 -0.67
CA THR B 163 11.17 13.84 -1.20
C THR B 163 10.52 13.84 -2.58
N LEU B 164 9.53 14.72 -2.80
CA LEU B 164 8.94 14.78 -4.13
C LEU B 164 9.96 15.31 -5.15
N LYS B 165 10.75 16.30 -4.75
CA LYS B 165 11.78 16.82 -5.63
C LYS B 165 12.83 15.76 -5.94
N LEU B 166 13.19 14.94 -4.96
CA LEU B 166 14.19 13.90 -5.18
C LEU B 166 13.65 12.81 -6.11
N ILE B 167 12.37 12.45 -5.96
CA ILE B 167 11.77 11.49 -6.89
C ILE B 167 11.81 12.06 -8.31
N GLY B 168 11.48 13.34 -8.46
CA GLY B 168 11.57 13.97 -9.77
C GLY B 168 12.99 13.94 -10.33
N LEU B 169 13.98 14.20 -9.48
CA LEU B 169 15.37 14.13 -9.93
C LEU B 169 15.75 12.73 -10.39
N ALA B 170 15.31 11.71 -9.65
CA ALA B 170 15.62 10.34 -10.05
C ALA B 170 14.99 10.00 -11.40
N ILE B 171 13.73 10.40 -11.60
CA ILE B 171 13.08 10.15 -12.88
C ILE B 171 13.82 10.86 -14.01
N ASP B 172 14.19 12.12 -13.78
CA ASP B 172 14.87 12.90 -14.81
C ASP B 172 16.23 12.28 -15.15
N TYR B 173 16.96 11.83 -14.14
CA TYR B 173 18.25 11.21 -14.39
C TYR B 173 18.11 9.89 -15.15
N TYR B 174 17.08 9.11 -14.80
CA TYR B 174 16.80 7.89 -15.57
C TYR B 174 16.48 8.20 -17.03
N ASP B 175 15.72 9.27 -17.30
CA ASP B 175 15.38 9.65 -18.66
C ASP B 175 16.49 10.43 -19.35
N GLY B 176 17.71 10.35 -18.84
CA GLY B 176 18.84 11.01 -19.47
C GLY B 176 19.86 10.03 -19.99
N GLY B 177 19.87 8.82 -19.43
CA GLY B 177 20.76 7.77 -19.87
C GLY B 177 20.31 6.99 -21.07
N LYS B 178 19.09 7.24 -21.55
CA LYS B 178 18.59 6.57 -22.73
C LYS B 178 19.31 7.09 -23.98
N ASP B 179 18.93 6.54 -25.13
CA ASP B 179 19.53 6.96 -26.39
C ASP B 179 19.20 8.42 -26.68
N PRO B 180 20.14 9.20 -27.21
CA PRO B 180 19.88 10.61 -27.53
C PRO B 180 19.14 10.79 -28.85
N GLU B 181 18.02 10.08 -28.99
CA GLU B 181 17.22 10.16 -30.20
C GLU B 181 16.29 11.35 -30.16
N LEU B 182 15.38 11.44 -31.13
CA LEU B 182 14.44 12.55 -31.22
C LEU B 182 13.25 12.29 -30.29
N LEU B 183 13.49 12.49 -29.00
CA LEU B 183 12.42 12.38 -28.02
C LEU B 183 11.51 13.61 -28.10
N THR B 184 10.56 13.67 -27.19
CA THR B 184 9.78 14.88 -27.02
C THR B 184 10.71 16.02 -26.62
N PRO B 185 10.60 17.20 -27.24
CA PRO B 185 11.57 18.26 -26.96
C PRO B 185 11.67 18.66 -25.48
N GLU B 186 10.57 18.57 -24.74
CA GLU B 186 10.62 18.88 -23.31
C GLU B 186 11.49 17.89 -22.56
N GLN B 187 11.41 16.61 -22.91
CA GLN B 187 12.24 15.60 -22.26
C GLN B 187 13.72 15.88 -22.49
N ARG B 188 14.10 16.22 -23.73
CA ARG B 188 15.48 16.56 -24.01
C ARG B 188 15.89 17.83 -23.28
N ARG B 189 15.00 18.81 -23.22
CA ARG B 189 15.26 20.07 -22.51
C ARG B 189 15.44 19.86 -21.01
N PHE B 190 14.83 18.82 -20.44
CA PHE B 190 14.95 18.55 -19.01
C PHE B 190 15.98 17.48 -18.67
N ALA B 191 16.25 16.53 -19.56
CA ALA B 191 17.13 15.41 -19.24
C ALA B 191 18.51 15.90 -18.85
N VAL B 192 19.06 15.30 -17.80
CA VAL B 192 20.38 15.68 -17.27
C VAL B 192 21.41 14.65 -17.76
N ARG B 193 22.55 15.15 -18.22
CA ARG B 193 23.64 14.31 -18.68
C ARG B 193 24.88 14.60 -17.85
N GLY B 194 25.47 13.54 -17.29
CA GLY B 194 26.65 13.66 -16.47
C GLY B 194 26.48 12.85 -15.20
N VAL B 195 27.33 13.14 -14.22
CA VAL B 195 27.27 12.50 -12.92
C VAL B 195 27.08 13.57 -11.85
N PRO B 196 25.97 13.57 -11.12
CA PRO B 196 25.79 14.56 -10.05
C PRO B 196 26.56 14.18 -8.79
N THR B 197 27.65 14.90 -8.52
CA THR B 197 28.41 14.64 -7.29
C THR B 197 27.68 15.22 -6.09
N LEU B 198 28.17 14.88 -4.90
CA LEU B 198 27.50 15.21 -3.65
C LEU B 198 27.24 16.70 -3.49
N LEU B 199 28.22 17.53 -3.90
CA LEU B 199 28.08 18.97 -3.69
C LEU B 199 26.90 19.54 -4.46
N GLU B 200 26.75 19.15 -5.74
CA GLU B 200 25.68 19.70 -6.55
C GLU B 200 24.30 19.27 -6.06
N VAL B 201 24.14 17.98 -5.73
CA VAL B 201 22.84 17.51 -5.25
C VAL B 201 22.52 18.13 -3.88
N SER B 202 23.54 18.28 -3.03
CA SER B 202 23.30 18.91 -1.73
C SER B 202 22.88 20.37 -1.89
N GLY B 203 23.54 21.11 -2.80
CA GLY B 203 23.16 22.49 -3.02
C GLY B 203 21.77 22.62 -3.64
N PHE B 204 21.46 21.77 -4.61
CA PHE B 204 20.15 21.82 -5.26
C PHE B 204 19.04 21.40 -4.32
N SER B 205 19.34 20.52 -3.36
CA SER B 205 18.33 20.04 -2.43
C SER B 205 18.00 21.08 -1.35
N TYR B 206 18.95 21.93 -0.98
CA TYR B 206 18.81 22.83 0.15
C TYR B 206 18.78 24.29 -0.28
N PHE B 207 18.07 24.60 -1.36
CA PHE B 207 17.90 25.98 -1.76
C PHE B 207 17.20 26.77 -0.66
N TYR B 208 17.75 27.94 -0.33
CA TYR B 208 17.24 28.68 0.82
C TYR B 208 15.89 29.32 0.53
N GLY B 209 15.64 29.77 -0.69
CA GLY B 209 14.39 30.40 -1.02
C GLY B 209 13.23 29.42 -1.06
N ALA B 210 13.29 28.46 -1.97
CA ALA B 210 12.21 27.48 -2.14
C ALA B 210 12.52 26.23 -1.33
N PHE B 211 12.41 26.37 -0.01
CA PHE B 211 12.65 25.27 0.91
C PHE B 211 11.40 24.87 1.69
N MET B 212 10.74 25.84 2.35
CA MET B 212 9.60 25.51 3.19
C MET B 212 8.38 25.16 2.36
N VAL B 213 7.89 26.12 1.58
CA VAL B 213 6.69 25.93 0.76
C VAL B 213 6.96 26.40 -0.65
N GLY B 214 8.24 26.56 -0.99
CA GLY B 214 8.63 27.20 -2.22
C GLY B 214 8.28 26.42 -3.47
N PRO B 215 8.38 27.08 -4.62
CA PRO B 215 8.10 26.40 -5.90
C PRO B 215 9.11 25.30 -6.18
N GLN B 216 8.68 24.32 -6.96
CA GLN B 216 9.50 23.15 -7.29
C GLN B 216 10.07 23.34 -8.69
N PHE B 217 11.33 23.74 -8.78
CA PHE B 217 12.01 23.88 -10.05
C PHE B 217 12.59 22.54 -10.48
N SER B 218 13.27 22.51 -11.61
CA SER B 218 13.85 21.30 -12.16
C SER B 218 15.32 21.18 -11.75
N MET B 219 15.99 20.16 -12.29
CA MET B 219 17.39 19.94 -11.98
C MET B 219 18.32 20.64 -12.96
N THR B 220 17.99 20.62 -14.26
CA THR B 220 18.87 21.20 -15.27
C THR B 220 19.00 22.71 -15.09
N ASP B 221 17.91 23.41 -14.79
CA ASP B 221 17.95 24.86 -14.66
C ASP B 221 18.68 25.34 -13.42
N TYR B 222 18.80 24.51 -12.39
CA TYR B 222 19.58 24.90 -11.22
C TYR B 222 21.05 25.06 -11.58
N GLN B 223 21.59 24.15 -12.38
CA GLN B 223 22.95 24.29 -12.87
C GLN B 223 23.13 25.52 -13.74
N LYS B 224 22.10 25.92 -14.49
CA LYS B 224 22.17 27.15 -15.26
C LYS B 224 22.33 28.36 -14.35
N LEU B 225 21.59 28.39 -13.24
CA LEU B 225 21.76 29.46 -12.27
C LEU B 225 23.14 29.41 -11.63
N ALA B 226 23.62 28.20 -11.30
CA ALA B 226 24.94 28.07 -10.70
C ALA B 226 26.02 28.53 -11.66
N LYS B 227 25.88 28.24 -12.95
CA LYS B 227 26.86 28.62 -13.95
C LYS B 227 26.66 30.04 -14.47
N GLY B 228 25.66 30.75 -13.97
CA GLY B 228 25.47 32.15 -14.33
C GLY B 228 25.10 32.40 -15.77
N GLU B 229 23.95 31.89 -16.19
CA GLU B 229 23.43 32.16 -17.53
C GLU B 229 21.94 32.45 -17.51
N MET B 230 21.37 32.66 -16.31
CA MET B 230 19.97 33.05 -16.19
C MET B 230 19.86 34.56 -16.02
N THR B 231 20.27 35.32 -17.04
CA THR B 231 20.28 36.77 -16.97
C THR B 231 19.65 37.34 -18.24
N ASP B 232 19.09 38.54 -18.10
CA ASP B 232 18.51 39.23 -19.26
C ASP B 232 19.57 39.51 -20.32
N VAL B 233 20.66 40.14 -19.91
CA VAL B 233 21.80 40.42 -20.78
C VAL B 233 22.80 39.30 -20.56
N PRO B 234 23.56 38.88 -21.59
CA PRO B 234 24.54 37.79 -21.39
C PRO B 234 25.39 37.93 -20.13
N GLY B 235 26.06 39.05 -19.92
CA GLY B 235 26.73 39.23 -18.64
C GLY B 235 26.41 40.52 -17.90
N GLN B 236 25.68 40.39 -16.80
CA GLN B 236 25.50 41.41 -15.76
C GLN B 236 24.57 40.83 -14.72
N ARG B 237 24.36 41.59 -13.65
CA ARG B 237 23.33 41.25 -12.69
C ARG B 237 21.96 41.39 -13.34
N PRO B 238 21.08 40.40 -13.21
CA PRO B 238 19.75 40.50 -13.82
C PRO B 238 18.94 41.65 -13.22
N ASN B 239 18.17 42.31 -14.07
CA ASN B 239 17.28 43.39 -13.64
C ASN B 239 15.93 42.81 -13.24
N SER B 240 15.69 42.76 -11.93
CA SER B 240 14.49 42.13 -11.39
C SER B 240 13.84 42.90 -10.25
N PHE B 241 14.28 44.12 -9.96
CA PHE B 241 13.66 44.89 -8.88
C PHE B 241 12.20 45.19 -9.16
N VAL B 242 11.89 45.64 -10.38
CA VAL B 242 10.53 46.04 -10.73
C VAL B 242 9.56 44.87 -10.62
N PRO B 243 9.85 43.69 -11.18
CA PRO B 243 8.90 42.57 -11.01
C PRO B 243 8.70 42.14 -9.57
N ALA B 244 9.73 42.24 -8.73
CA ALA B 244 9.68 41.65 -7.40
C ALA B 244 8.71 42.39 -6.48
N LEU B 245 8.70 43.73 -6.54
CA LEU B 245 7.94 44.51 -5.57
C LEU B 245 6.44 44.26 -5.67
N LYS B 246 5.96 43.89 -6.86
CA LYS B 246 4.55 43.59 -7.03
C LYS B 246 4.14 42.38 -6.20
N ARG B 247 4.98 41.35 -6.20
CA ARG B 247 4.69 40.14 -5.45
C ARG B 247 4.81 40.34 -3.94
N LEU B 248 5.51 41.37 -3.50
CA LEU B 248 5.49 41.78 -2.09
C LEU B 248 4.26 42.59 -1.75
N SER B 249 3.88 43.55 -2.59
CA SER B 249 2.71 44.36 -2.32
C SER B 249 1.46 43.49 -2.25
N LEU B 250 1.24 42.66 -3.27
CA LEU B 250 0.05 41.80 -3.28
C LEU B 250 0.07 40.79 -2.15
N GLY B 251 1.23 40.18 -1.90
CA GLY B 251 1.33 39.20 -0.85
C GLY B 251 1.06 39.78 0.53
N LEU B 252 1.65 40.94 0.82
CA LEU B 252 1.44 41.58 2.12
C LEU B 252 0.00 42.05 2.25
N LEU B 253 -0.61 42.54 1.16
CA LEU B 253 -2.01 42.94 1.21
C LEU B 253 -2.90 41.75 1.58
N PHE B 254 -2.71 40.62 0.89
CA PHE B 254 -3.52 39.45 1.22
C PHE B 254 -3.25 38.97 2.65
N LEU B 255 -1.99 39.00 3.08
CA LEU B 255 -1.67 38.56 4.43
C LEU B 255 -2.35 39.43 5.48
N VAL B 256 -2.30 40.76 5.32
CA VAL B 256 -2.89 41.64 6.32
C VAL B 256 -4.41 41.52 6.31
N THR B 257 -5.02 41.37 5.13
CA THR B 257 -6.47 41.17 5.10
C THR B 257 -6.86 39.87 5.78
N TYR B 258 -6.11 38.79 5.53
CA TYR B 258 -6.44 37.51 6.14
C TYR B 258 -6.29 37.56 7.66
N THR B 259 -5.21 38.18 8.14
CA THR B 259 -5.02 38.24 9.59
C THR B 259 -5.96 39.23 10.26
N LEU B 260 -6.48 40.21 9.53
CA LEU B 260 -7.48 41.11 10.09
C LEU B 260 -8.84 40.42 10.16
N SER B 261 -9.17 39.63 9.14
CA SER B 261 -10.46 38.95 9.10
C SER B 261 -10.44 37.57 9.73
N SER B 262 -9.31 37.15 10.30
CA SER B 262 -9.22 35.83 10.91
C SER B 262 -10.15 35.65 12.11
N PRO B 263 -10.21 36.55 13.10
CA PRO B 263 -11.03 36.27 14.28
C PRO B 263 -12.51 36.12 14.00
N TYR B 264 -13.04 36.81 12.98
CA TYR B 264 -14.48 36.76 12.72
C TYR B 264 -14.93 35.35 12.34
N ILE B 265 -14.19 34.68 11.47
CA ILE B 265 -14.58 33.38 10.93
C ILE B 265 -13.50 32.37 11.29
N SER B 266 -13.90 31.25 11.89
CA SER B 266 -12.98 30.20 12.28
C SER B 266 -13.67 28.86 12.12
N GLU B 267 -12.87 27.79 12.04
CA GLU B 267 -13.42 26.46 11.85
C GLU B 267 -13.84 25.83 13.17
N GLU B 268 -14.57 26.58 13.99
CA GLU B 268 -15.15 26.09 15.23
C GLU B 268 -16.63 26.40 15.34
N TYR B 269 -17.08 27.50 14.73
CA TYR B 269 -18.50 27.82 14.70
C TYR B 269 -19.29 26.71 14.02
N LEU B 270 -18.70 26.06 13.02
CA LEU B 270 -19.40 25.01 12.29
C LEU B 270 -19.68 23.81 13.18
N ILE B 271 -18.73 23.46 14.04
CA ILE B 271 -18.79 22.19 14.78
C ILE B 271 -19.15 22.45 16.24
N SER B 272 -19.56 23.67 16.55
CA SER B 272 -19.86 24.03 17.94
C SER B 272 -20.99 23.18 18.50
N ASP B 273 -21.87 22.68 17.63
CA ASP B 273 -23.01 21.81 17.90
C ASP B 273 -24.14 22.57 18.58
N ASP B 274 -23.93 23.82 19.00
CA ASP B 274 -24.99 24.68 19.49
C ASP B 274 -25.33 25.79 18.51
N TYR B 275 -24.57 25.91 17.41
CA TYR B 275 -24.84 26.89 16.37
C TYR B 275 -25.39 26.25 15.10
N MET B 276 -25.86 25.00 15.17
CA MET B 276 -26.37 24.27 14.03
C MET B 276 -27.88 24.38 13.89
N GLU B 277 -28.48 25.51 14.32
CA GLU B 277 -29.94 25.55 14.38
C GLU B 277 -30.52 26.79 13.70
N LYS B 278 -29.71 27.70 13.18
CA LYS B 278 -30.23 28.79 12.37
C LYS B 278 -30.78 28.26 11.06
N PRO B 279 -31.65 29.03 10.39
CA PRO B 279 -32.29 28.54 9.17
C PRO B 279 -31.29 28.04 8.15
N PHE B 280 -31.77 27.15 7.28
CA PHE B 280 -30.90 26.42 6.36
C PHE B 280 -30.06 27.36 5.50
N TRP B 281 -30.72 28.34 4.87
CA TRP B 281 -30.03 29.20 3.92
C TRP B 281 -28.82 29.87 4.54
N PHE B 282 -28.99 30.43 5.74
CA PHE B 282 -27.88 31.10 6.42
C PHE B 282 -26.69 30.17 6.55
N ARG B 283 -26.94 28.92 6.93
CA ARG B 283 -25.85 27.95 7.04
C ARG B 283 -25.07 27.87 5.73
N CYS B 284 -25.79 27.71 4.62
CA CYS B 284 -25.12 27.68 3.32
C CYS B 284 -24.35 28.96 3.10
N GLY B 285 -24.95 30.10 3.45
CA GLY B 285 -24.26 31.36 3.29
C GLY B 285 -22.94 31.38 4.04
N TYR B 286 -22.90 30.78 5.23
CA TYR B 286 -21.65 30.72 5.97
C TYR B 286 -20.60 29.96 5.18
N ILE B 287 -20.99 28.82 4.59
CA ILE B 287 -20.06 28.04 3.79
C ILE B 287 -19.57 28.87 2.60
N LEU B 288 -20.40 29.81 2.14
CA LEU B 288 -19.94 30.70 1.07
C LEU B 288 -18.90 31.69 1.60
N VAL B 289 -19.13 32.25 2.79
CA VAL B 289 -18.17 33.19 3.35
C VAL B 289 -16.91 32.45 3.78
N TRP B 290 -17.07 31.31 4.44
CA TRP B 290 -15.93 30.45 4.72
C TRP B 290 -15.44 29.82 3.43
N GLY B 291 -14.30 29.15 3.51
CA GLY B 291 -13.69 28.57 2.32
C GLY B 291 -12.96 29.59 1.46
N LYS B 292 -13.66 30.65 1.06
CA LYS B 292 -13.01 31.74 0.35
C LYS B 292 -12.05 32.51 1.24
N ILE B 293 -12.15 32.34 2.56
CA ILE B 293 -11.26 32.99 3.51
C ILE B 293 -10.10 32.08 3.91
N ILE B 294 -10.38 30.79 4.13
CA ILE B 294 -9.31 29.88 4.52
C ILE B 294 -8.30 29.71 3.41
N LEU B 295 -8.70 29.92 2.15
CA LEU B 295 -7.75 29.80 1.05
C LEU B 295 -6.67 30.88 1.11
N TYR B 296 -7.04 32.09 1.57
CA TYR B 296 -6.06 33.17 1.65
C TYR B 296 -4.94 32.86 2.64
N LYS B 297 -5.12 31.87 3.50
CA LYS B 297 -4.03 31.43 4.36
C LYS B 297 -2.87 30.89 3.54
N TYR B 298 -3.18 30.15 2.47
CA TYR B 298 -2.13 29.60 1.61
C TYR B 298 -1.55 30.67 0.70
N VAL B 299 -2.39 31.31 -0.10
CA VAL B 299 -2.00 32.14 -1.23
C VAL B 299 -0.81 33.03 -0.88
N THR B 300 -0.95 33.79 0.21
CA THR B 300 0.05 34.81 0.55
C THR B 300 1.45 34.21 0.54
N CYS B 301 1.65 33.10 1.24
CA CYS B 301 3.01 32.58 1.38
C CYS B 301 3.60 32.28 0.00
N TRP B 302 2.83 31.62 -0.86
CA TRP B 302 3.32 31.35 -2.20
C TRP B 302 3.75 32.65 -2.86
N LEU B 303 2.86 33.64 -2.87
CA LEU B 303 3.21 34.92 -3.46
C LEU B 303 4.51 35.45 -2.88
N VAL B 304 4.63 35.46 -1.55
CA VAL B 304 5.80 36.09 -0.97
C VAL B 304 7.04 35.29 -1.33
N THR B 305 6.95 33.94 -1.38
CA THR B 305 8.15 33.20 -1.71
C THR B 305 8.51 33.39 -3.18
N GLU B 306 7.51 33.69 -4.01
CA GLU B 306 7.81 34.06 -5.39
C GLU B 306 8.78 35.23 -5.42
N GLY B 307 8.59 36.19 -4.53
CA GLY B 307 9.48 37.34 -4.49
C GLY B 307 10.92 36.96 -4.20
N VAL B 308 11.13 35.93 -3.38
CA VAL B 308 12.50 35.52 -3.09
C VAL B 308 13.00 34.53 -4.12
N CYS B 309 12.15 34.06 -5.02
CA CYS B 309 12.57 33.16 -6.09
C CYS B 309 12.77 33.87 -7.42
N ILE B 310 12.17 35.04 -7.60
CA ILE B 310 12.32 35.79 -8.84
C ILE B 310 13.52 36.72 -8.81
N LEU B 311 13.96 37.12 -7.61
CA LEU B 311 15.06 38.08 -7.51
C LEU B 311 16.38 37.47 -7.94
N VAL B 312 16.62 36.20 -7.61
CA VAL B 312 17.88 35.55 -7.93
C VAL B 312 18.02 35.22 -9.40
N GLY B 313 16.96 35.37 -10.19
CA GLY B 313 17.01 35.10 -11.60
C GLY B 313 16.52 33.73 -12.02
N LEU B 314 15.95 32.95 -11.10
CA LEU B 314 15.46 31.62 -11.43
C LEU B 314 14.13 31.66 -12.16
N GLY B 315 13.46 32.80 -12.19
CA GLY B 315 12.14 32.89 -12.80
C GLY B 315 12.17 33.35 -14.26
N TYR B 316 13.32 33.20 -14.91
CA TYR B 316 13.47 33.59 -16.30
C TYR B 316 13.13 32.42 -17.22
N ASN B 317 12.36 32.69 -18.27
CA ASN B 317 12.03 31.69 -19.27
C ASN B 317 12.20 32.15 -20.70
N GLY B 318 12.18 33.44 -20.97
CA GLY B 318 12.33 33.94 -22.32
C GLY B 318 11.59 35.25 -22.48
N ASN B 319 11.47 35.69 -23.73
CA ASN B 319 10.77 36.91 -24.09
C ASN B 319 9.51 36.58 -24.90
N ASP B 320 8.62 37.57 -24.96
CA ASP B 320 7.36 37.42 -25.68
C ASP B 320 7.54 37.81 -27.14
N GLN B 321 6.41 37.98 -27.85
CA GLN B 321 6.46 38.36 -29.25
C GLN B 321 7.13 39.72 -29.44
N ASN B 322 6.78 40.69 -28.58
CA ASN B 322 7.37 42.02 -28.67
C ASN B 322 8.87 41.98 -28.38
N GLY B 323 9.27 41.23 -27.36
CA GLY B 323 10.68 41.12 -27.02
C GLY B 323 10.98 41.42 -25.57
N LYS B 324 9.99 41.94 -24.85
CA LYS B 324 10.19 42.26 -23.44
C LYS B 324 10.34 40.99 -22.63
N PRO B 325 11.09 41.04 -21.52
CA PRO B 325 11.30 39.84 -20.71
C PRO B 325 10.00 39.35 -20.09
N VAL B 326 9.93 38.04 -19.89
CA VAL B 326 8.80 37.39 -19.24
C VAL B 326 9.33 36.72 -17.98
N TRP B 327 8.75 37.06 -16.83
CA TRP B 327 9.20 36.54 -15.54
C TRP B 327 8.22 35.54 -14.93
N ASP B 328 7.16 35.18 -15.66
CA ASP B 328 6.17 34.23 -15.16
C ASP B 328 6.57 32.81 -15.60
N ALA B 329 7.64 32.32 -14.98
CA ALA B 329 8.16 30.99 -15.27
C ALA B 329 7.95 30.01 -14.11
N CYS B 330 8.37 30.37 -12.91
CA CYS B 330 8.18 29.53 -11.73
C CYS B 330 7.03 30.01 -10.87
N ALA B 331 6.08 30.75 -11.44
CA ALA B 331 4.93 31.22 -10.68
C ALA B 331 4.08 30.06 -10.21
N ASN B 332 3.51 30.19 -9.02
CA ASN B 332 2.68 29.14 -8.45
C ASN B 332 1.19 29.51 -8.42
N MET B 333 0.85 30.77 -8.63
CA MET B 333 -0.54 31.20 -8.66
C MET B 333 -0.69 32.35 -9.65
N LYS B 334 -1.83 32.38 -10.34
CA LYS B 334 -2.11 33.38 -11.36
C LYS B 334 -3.32 34.20 -10.92
N VAL B 335 -3.07 35.35 -10.30
CA VAL B 335 -4.15 36.22 -9.87
C VAL B 335 -4.75 36.92 -11.10
N TRP B 336 -5.98 37.43 -10.93
CA TRP B 336 -6.85 38.07 -11.93
C TRP B 336 -7.50 37.01 -12.82
N LEU B 337 -7.12 35.74 -12.68
CA LEU B 337 -7.86 34.65 -13.29
C LEU B 337 -8.41 33.68 -12.25
N TYR B 338 -7.82 33.64 -11.06
CA TYR B 338 -8.35 32.81 -9.97
C TYR B 338 -9.61 33.40 -9.37
N GLU B 339 -9.76 34.73 -9.42
CA GLU B 339 -10.94 35.36 -8.81
C GLU B 339 -12.15 35.28 -9.72
N THR B 340 -12.06 35.86 -10.92
CA THR B 340 -13.20 35.96 -11.83
C THR B 340 -13.10 34.81 -12.85
N THR B 341 -13.53 33.63 -12.42
CA THR B 341 -13.56 32.45 -13.29
C THR B 341 -14.83 31.64 -12.99
N PRO B 342 -15.92 31.91 -13.70
CA PRO B 342 -17.16 31.15 -13.47
C PRO B 342 -17.01 29.67 -13.72
N LEU B 343 -16.15 29.26 -14.64
CA LEU B 343 -15.99 27.85 -14.96
C LEU B 343 -15.38 27.10 -13.78
N PHE B 344 -15.87 25.87 -13.56
CA PHE B 344 -15.31 25.02 -12.52
C PHE B 344 -13.91 24.52 -12.87
N THR B 345 -13.61 24.41 -14.17
CA THR B 345 -12.29 24.03 -14.62
C THR B 345 -11.33 25.21 -14.73
N GLY B 346 -11.82 26.44 -14.57
CA GLY B 346 -10.97 27.60 -14.62
C GLY B 346 -10.23 27.90 -13.33
N THR B 347 -10.57 27.22 -12.24
CA THR B 347 -9.86 27.35 -10.98
C THR B 347 -8.78 26.30 -10.80
N ILE B 348 -8.59 25.41 -11.78
CA ILE B 348 -7.53 24.42 -11.74
C ILE B 348 -6.26 24.91 -12.42
N ALA B 349 -6.38 25.82 -13.39
CA ALA B 349 -5.23 26.41 -14.06
C ALA B 349 -4.83 27.74 -13.41
N SER B 350 -5.44 28.09 -12.29
CA SER B 350 -5.09 29.31 -11.58
C SER B 350 -4.67 29.07 -10.14
N PHE B 351 -4.95 27.90 -9.58
CA PHE B 351 -4.44 27.53 -8.26
C PHE B 351 -3.02 27.02 -8.44
N ASN B 352 -2.48 26.29 -7.46
CA ASN B 352 -1.10 25.81 -7.57
C ASN B 352 -0.89 25.06 -8.87
N ILE B 353 -0.08 25.64 -9.75
CA ILE B 353 0.19 25.07 -11.07
C ILE B 353 1.61 24.56 -11.18
N ASN B 354 2.30 24.36 -10.06
CA ASN B 354 3.61 23.76 -10.04
C ASN B 354 3.62 22.35 -9.46
N THR B 355 2.62 21.97 -8.68
CA THR B 355 2.47 20.58 -8.29
C THR B 355 1.59 19.83 -9.28
N ASN B 356 0.55 20.47 -9.79
CA ASN B 356 -0.29 19.85 -10.82
C ASN B 356 0.51 19.58 -12.09
N ALA B 357 1.33 20.55 -12.51
CA ALA B 357 2.17 20.34 -13.68
C ALA B 357 3.16 19.21 -13.46
N TRP B 358 3.77 19.14 -12.27
CA TRP B 358 4.70 18.06 -11.97
C TRP B 358 4.01 16.71 -12.02
N VAL B 359 2.82 16.61 -11.42
CA VAL B 359 2.10 15.35 -11.43
C VAL B 359 1.75 14.94 -12.86
N ALA B 360 1.27 15.90 -13.65
CA ALA B 360 0.92 15.58 -15.04
C ALA B 360 2.15 15.16 -15.83
N ARG B 361 3.30 15.78 -15.57
CA ARG B 361 4.48 15.48 -16.36
C ARG B 361 5.11 14.14 -15.99
N TYR B 362 5.10 13.79 -14.70
CA TYR B 362 5.84 12.62 -14.26
C TYR B 362 4.97 11.43 -13.91
N VAL B 363 3.64 11.56 -13.96
CA VAL B 363 2.77 10.42 -13.70
C VAL B 363 1.77 10.25 -14.83
N PHE B 364 1.04 11.32 -15.15
CA PHE B 364 -0.02 11.23 -16.14
C PHE B 364 0.52 10.90 -17.53
N LYS B 365 1.63 11.53 -17.92
CA LYS B 365 2.21 11.34 -19.24
C LYS B 365 3.35 10.33 -19.24
N ARG B 366 3.54 9.60 -18.13
CA ARG B 366 4.50 8.52 -18.07
C ARG B 366 3.85 7.14 -18.01
N LEU B 367 2.64 7.04 -17.51
CA LEU B 367 1.88 5.78 -17.50
C LEU B 367 1.00 5.65 -18.73
N LYS B 368 1.59 5.85 -19.91
CA LYS B 368 0.89 5.69 -21.17
C LYS B 368 1.04 4.29 -21.75
N PHE B 369 1.93 3.47 -21.17
CA PHE B 369 2.07 2.09 -21.64
C PHE B 369 0.83 1.27 -21.32
N LEU B 370 0.23 1.51 -20.15
CA LEU B 370 -0.99 0.80 -19.78
C LEU B 370 -2.13 1.12 -20.75
N GLY B 371 -2.29 2.40 -21.09
CA GLY B 371 -3.24 2.79 -22.12
C GLY B 371 -4.70 2.56 -21.80
N ASN B 372 -5.22 3.25 -20.78
CA ASN B 372 -6.64 3.22 -20.48
C ASN B 372 -7.27 4.60 -20.55
N LYS B 373 -6.50 5.66 -20.32
CA LYS B 373 -6.89 7.06 -20.51
C LYS B 373 -7.84 7.53 -19.42
N LEU B 374 -8.29 6.62 -18.56
CA LEU B 374 -9.09 7.00 -17.41
C LEU B 374 -8.53 6.47 -16.10
N LEU B 375 -8.04 5.22 -16.08
CA LEU B 375 -7.51 4.65 -14.86
C LEU B 375 -6.32 5.45 -14.35
N SER B 376 -5.48 5.92 -15.27
CA SER B 376 -4.38 6.80 -14.90
C SER B 376 -4.90 8.05 -14.24
N GLN B 377 -5.99 8.63 -14.79
CA GLN B 377 -6.60 9.79 -14.14
C GLN B 377 -7.18 9.43 -12.78
N ALA B 378 -7.53 8.16 -12.58
CA ALA B 378 -7.97 7.67 -11.29
C ALA B 378 -6.81 7.14 -10.45
N LEU B 379 -5.60 7.10 -10.98
CA LEU B 379 -4.43 6.65 -10.23
C LEU B 379 -3.60 7.82 -9.72
N ALA B 380 -3.29 8.78 -10.60
CA ALA B 380 -2.44 9.90 -10.20
C ALA B 380 -3.06 10.67 -9.04
N LEU B 381 -4.36 10.94 -9.11
CA LEU B 381 -5.05 11.61 -8.02
C LEU B 381 -4.89 10.83 -6.72
N PHE B 382 -4.97 9.50 -6.80
CA PHE B 382 -4.74 8.68 -5.60
C PHE B 382 -3.37 8.97 -5.01
N PHE B 383 -2.34 9.07 -5.86
CA PHE B 383 -1.03 9.49 -5.39
C PHE B 383 -1.11 10.86 -4.74
N LEU B 384 -1.79 11.80 -5.39
CA LEU B 384 -1.99 13.12 -4.80
C LEU B 384 -2.84 13.04 -3.54
N ALA B 385 -3.64 11.99 -3.37
CA ALA B 385 -4.40 11.80 -2.14
C ALA B 385 -3.57 11.18 -1.03
N ILE B 386 -2.38 10.69 -1.34
CA ILE B 386 -1.48 10.13 -0.33
C ILE B 386 -0.33 11.07 -0.01
N TRP B 387 0.12 11.86 -0.98
CA TRP B 387 1.22 12.80 -0.74
C TRP B 387 0.83 13.86 0.28
N HIS B 388 -0.45 14.28 0.27
CA HIS B 388 -0.91 15.27 1.22
C HIS B 388 -0.87 14.74 2.65
N GLY B 389 -1.44 13.57 2.88
CA GLY B 389 -1.53 13.05 4.24
C GLY B 389 -2.06 11.64 4.26
N LEU B 390 -2.36 11.17 5.47
CA LEU B 390 -2.84 9.81 5.68
C LEU B 390 -4.26 9.79 6.25
N HIS B 391 -4.91 10.94 6.36
CA HIS B 391 -6.25 11.01 6.91
C HIS B 391 -7.27 10.65 5.83
N SER B 392 -8.56 10.89 6.12
CA SER B 392 -9.63 10.48 5.22
C SER B 392 -10.27 11.65 4.47
N GLY B 393 -10.16 12.87 4.98
CA GLY B 393 -10.80 13.99 4.33
C GLY B 393 -10.24 14.28 2.95
N TYR B 394 -8.94 14.05 2.76
CA TYR B 394 -8.31 14.35 1.48
C TYR B 394 -8.89 13.52 0.36
N LEU B 395 -9.11 12.22 0.61
CA LEU B 395 -9.68 11.35 -0.41
C LEU B 395 -11.04 11.83 -0.85
N VAL B 396 -11.89 12.20 0.10
CA VAL B 396 -13.24 12.65 -0.23
C VAL B 396 -13.18 13.99 -0.97
N CYS B 397 -12.30 14.88 -0.55
CA CYS B 397 -12.17 16.17 -1.24
C CYS B 397 -11.75 15.97 -2.70
N PHE B 398 -10.76 15.10 -2.93
CA PHE B 398 -10.29 14.89 -4.30
C PHE B 398 -11.35 14.16 -5.13
N GLN B 399 -12.08 13.23 -4.53
CA GLN B 399 -13.17 12.57 -5.25
C GLN B 399 -14.25 13.57 -5.64
N MET B 400 -14.58 14.49 -4.74
CA MET B 400 -15.55 15.53 -5.05
C MET B 400 -15.06 16.42 -6.18
N GLU B 401 -13.77 16.78 -6.15
CA GLU B 401 -13.22 17.61 -7.22
C GLU B 401 -13.30 16.89 -8.56
N LEU B 402 -12.96 15.61 -8.59
CA LEU B 402 -13.05 14.83 -9.83
C LEU B 402 -14.49 14.78 -10.32
N LEU B 403 -15.44 14.53 -9.41
CA LEU B 403 -16.84 14.45 -9.81
C LEU B 403 -17.33 15.77 -10.39
N ILE B 404 -17.01 16.88 -9.74
CA ILE B 404 -17.53 18.16 -10.19
C ILE B 404 -16.88 18.56 -11.52
N VAL B 405 -15.59 18.26 -11.69
CA VAL B 405 -14.97 18.62 -12.95
C VAL B 405 -15.52 17.76 -14.10
N ILE B 406 -15.81 16.48 -13.85
CA ILE B 406 -16.44 15.66 -14.89
C ILE B 406 -17.82 16.19 -15.23
N VAL B 407 -18.61 16.56 -14.22
CA VAL B 407 -19.95 17.09 -14.48
C VAL B 407 -19.87 18.39 -15.26
N GLU B 408 -18.93 19.26 -14.91
CA GLU B 408 -18.76 20.52 -15.63
C GLU B 408 -18.34 20.26 -17.07
N ARG B 409 -17.45 19.30 -17.29
CA ARG B 409 -17.06 18.96 -18.66
C ARG B 409 -18.25 18.46 -19.46
N GLN B 410 -19.08 17.61 -18.85
CA GLN B 410 -20.27 17.12 -19.56
C GLN B 410 -21.22 18.25 -19.91
N VAL B 411 -21.46 19.17 -18.95
CA VAL B 411 -22.38 20.26 -19.20
C VAL B 411 -21.85 21.19 -20.29
N ILE B 412 -20.56 21.54 -20.23
CA ILE B 412 -20.00 22.41 -21.24
C ILE B 412 -19.88 21.71 -22.59
N ASN B 413 -19.87 20.37 -22.60
CA ASN B 413 -19.93 19.64 -23.86
C ASN B 413 -21.34 19.68 -24.46
N LEU B 414 -22.36 19.61 -23.60
CA LEU B 414 -23.73 19.67 -24.09
C LEU B 414 -24.03 21.01 -24.75
N VAL B 415 -23.55 22.09 -24.15
CA VAL B 415 -23.82 23.45 -24.64
C VAL B 415 -22.68 23.89 -25.53
N ARG B 416 -23.00 24.75 -26.51
CA ARG B 416 -22.05 25.37 -27.42
C ARG B 416 -21.51 24.36 -28.43
N ASP B 417 -21.90 23.10 -28.29
CA ASP B 417 -21.58 22.06 -29.27
C ASP B 417 -22.81 21.50 -29.96
N SER B 418 -23.88 21.25 -29.22
CA SER B 418 -25.18 20.85 -29.77
C SER B 418 -26.25 21.74 -29.16
N PRO B 419 -26.30 23.02 -29.55
CA PRO B 419 -27.27 23.93 -28.92
C PRO B 419 -28.72 23.55 -29.17
N THR B 420 -29.08 23.31 -30.42
CA THR B 420 -30.46 23.02 -30.80
C THR B 420 -31.42 24.10 -30.30
N LEU B 421 -31.17 25.33 -30.74
CA LEU B 421 -32.00 26.49 -30.40
C LEU B 421 -32.08 26.70 -28.89
N SER B 422 -30.92 26.61 -28.23
CA SER B 422 -30.83 26.88 -26.79
C SER B 422 -30.04 28.14 -26.46
N THR B 423 -28.97 28.42 -27.23
CA THR B 423 -28.14 29.59 -26.99
C THR B 423 -28.21 30.63 -28.09
N LEU B 424 -28.76 30.28 -29.26
CA LEU B 424 -28.86 31.24 -30.35
C LEU B 424 -29.86 32.35 -30.07
N ALA B 425 -30.68 32.20 -29.02
CA ALA B 425 -31.62 33.25 -28.64
C ALA B 425 -31.04 34.21 -27.61
N SER B 426 -30.03 33.80 -26.85
CA SER B 426 -29.46 34.66 -25.83
C SER B 426 -28.77 35.87 -26.45
N ILE B 427 -28.00 35.64 -27.52
CA ILE B 427 -27.25 36.64 -28.29
C ILE B 427 -26.63 37.71 -27.40
N THR B 428 -26.22 37.33 -26.18
CA THR B 428 -25.59 38.23 -25.22
C THR B 428 -26.42 39.49 -25.01
N ALA B 429 -27.74 39.36 -24.96
CA ALA B 429 -28.62 40.51 -24.78
C ALA B 429 -28.39 41.18 -23.43
N LEU B 430 -28.71 40.47 -22.35
CA LEU B 430 -28.53 41.00 -21.00
C LEU B 430 -28.41 39.80 -20.06
N GLN B 431 -27.17 39.43 -19.72
CA GLN B 431 -26.93 38.31 -18.81
C GLN B 431 -25.82 38.64 -17.81
N PRO B 432 -26.08 39.58 -16.89
CA PRO B 432 -25.23 39.66 -15.69
C PRO B 432 -25.74 38.73 -14.60
N ILE B 433 -27.05 38.45 -14.65
CA ILE B 433 -27.68 37.58 -13.66
C ILE B 433 -27.13 36.16 -13.78
N PHE B 434 -26.99 35.65 -15.01
CA PHE B 434 -26.40 34.34 -15.18
C PHE B 434 -24.97 34.30 -14.68
N TYR B 435 -24.21 35.36 -14.92
CA TYR B 435 -22.82 35.40 -14.45
C TYR B 435 -22.75 35.37 -12.93
N VAL B 436 -23.58 36.17 -12.26
CA VAL B 436 -23.51 36.20 -10.80
C VAL B 436 -24.03 34.89 -10.21
N LEU B 437 -25.05 34.29 -10.82
CA LEU B 437 -25.53 32.99 -10.36
C LEU B 437 -24.46 31.93 -10.50
N GLN B 438 -23.76 31.92 -11.65
CA GLN B 438 -22.68 30.95 -11.85
C GLN B 438 -21.56 31.18 -10.85
N GLN B 439 -21.22 32.44 -10.58
CA GLN B 439 -20.14 32.72 -9.63
C GLN B 439 -20.50 32.27 -8.22
N THR B 440 -21.74 32.54 -7.80
CA THR B 440 -22.19 32.10 -6.48
C THR B 440 -22.20 30.57 -6.40
N ASN B 441 -22.68 29.91 -7.46
CA ASN B 441 -22.66 28.45 -7.50
C ASN B 441 -21.23 27.92 -7.37
N HIS B 442 -20.30 28.53 -8.10
CA HIS B 442 -18.90 28.11 -8.05
C HIS B 442 -18.34 28.26 -6.65
N TRP B 443 -18.55 29.41 -6.03
CA TRP B 443 -18.03 29.62 -4.68
C TRP B 443 -18.63 28.62 -3.69
N MET B 444 -19.94 28.44 -3.76
CA MET B 444 -20.62 27.58 -2.79
C MET B 444 -20.17 26.14 -2.91
N PHE B 445 -20.12 25.61 -4.15
CA PHE B 445 -19.75 24.22 -4.34
C PHE B 445 -18.25 24.00 -4.41
N MET B 446 -17.43 25.05 -4.31
CA MET B 446 -16.03 24.82 -4.00
C MET B 446 -15.79 24.80 -2.50
N GLY B 447 -16.44 25.69 -1.75
CA GLY B 447 -16.33 25.64 -0.30
C GLY B 447 -16.93 24.37 0.28
N TYR B 448 -18.04 23.91 -0.30
CA TYR B 448 -18.71 22.72 0.18
C TYR B 448 -17.83 21.48 0.06
N SER B 449 -16.92 21.47 -0.91
CA SER B 449 -15.96 20.38 -1.04
C SER B 449 -14.64 20.67 -0.32
N LEU B 450 -14.35 21.93 -0.02
CA LEU B 450 -13.18 22.27 0.77
C LEU B 450 -13.39 22.06 2.26
N VAL B 451 -14.64 21.94 2.72
CA VAL B 451 -14.90 21.68 4.13
C VAL B 451 -14.15 20.46 4.65
N PRO B 452 -14.18 19.29 4.00
CA PRO B 452 -13.45 18.13 4.54
C PRO B 452 -11.93 18.29 4.49
N PHE B 453 -11.41 19.29 3.76
CA PHE B 453 -9.97 19.48 3.71
C PHE B 453 -9.43 20.01 5.04
N CYS B 454 -10.16 20.90 5.70
CA CYS B 454 -9.73 21.47 6.97
C CYS B 454 -10.18 20.65 8.18
N LEU B 455 -11.09 19.70 8.00
CA LEU B 455 -11.56 18.81 9.06
C LEU B 455 -11.39 17.38 8.55
N PHE B 456 -10.38 16.69 9.07
CA PHE B 456 -9.97 15.41 8.48
C PHE B 456 -10.08 14.25 9.45
N THR B 457 -11.18 14.16 10.19
CA THR B 457 -11.45 13.03 11.07
C THR B 457 -12.82 12.46 10.73
N TRP B 458 -12.99 11.16 10.99
CA TRP B 458 -14.22 10.46 10.66
C TRP B 458 -15.43 11.04 11.41
N ASP B 459 -15.20 11.58 12.60
CA ASP B 459 -16.29 12.05 13.45
C ASP B 459 -16.65 13.50 13.12
N LYS B 460 -15.66 14.40 13.19
CA LYS B 460 -15.90 15.82 12.98
C LYS B 460 -16.45 16.12 11.59
N TRP B 461 -15.83 15.51 10.58
CA TRP B 461 -16.24 15.72 9.19
C TRP B 461 -17.71 15.39 8.99
N MET B 462 -18.12 14.19 9.40
CA MET B 462 -19.49 13.75 9.14
C MET B 462 -20.49 14.52 9.99
N LYS B 463 -20.11 14.89 11.22
CA LYS B 463 -21.01 15.67 12.06
C LYS B 463 -21.27 17.05 11.46
N VAL B 464 -20.23 17.69 10.93
CA VAL B 464 -20.43 19.01 10.33
C VAL B 464 -21.02 18.91 8.94
N TYR B 465 -20.89 17.76 8.28
CA TYR B 465 -21.34 17.59 6.90
C TYR B 465 -22.77 17.11 6.77
N LYS B 466 -23.29 16.43 7.80
CA LYS B 466 -24.66 15.90 7.74
C LYS B 466 -25.72 16.97 7.89
N SER B 467 -25.41 18.09 8.56
CA SER B 467 -26.41 19.14 8.75
C SER B 467 -26.80 19.83 7.45
N ILE B 468 -26.05 19.61 6.37
CA ILE B 468 -26.37 20.20 5.08
C ILE B 468 -27.15 19.23 4.18
N TYR B 469 -27.51 18.06 4.71
CA TYR B 469 -28.33 17.07 4.01
C TYR B 469 -27.63 16.49 2.78
N PHE B 470 -26.29 16.44 2.82
CA PHE B 470 -25.49 15.79 1.77
C PHE B 470 -25.84 16.34 0.39
N LEU B 471 -26.02 17.66 0.31
CA LEU B 471 -26.63 18.26 -0.87
C LEU B 471 -25.79 18.04 -2.12
N GLY B 472 -24.50 18.35 -2.05
CA GLY B 472 -23.68 18.35 -3.26
C GLY B 472 -23.52 16.98 -3.88
N HIS B 473 -23.22 15.96 -3.07
CA HIS B 473 -23.04 14.62 -3.61
C HIS B 473 -24.30 14.11 -4.29
N VAL B 474 -25.45 14.21 -3.62
CA VAL B 474 -26.67 13.69 -4.23
C VAL B 474 -27.06 14.49 -5.45
N LEU B 475 -26.91 15.82 -5.40
CA LEU B 475 -27.27 16.66 -6.54
C LEU B 475 -26.42 16.33 -7.76
N PHE B 476 -25.10 16.23 -7.56
CA PHE B 476 -24.22 15.93 -8.68
C PHE B 476 -24.39 14.50 -9.17
N PHE B 477 -24.71 13.56 -8.28
CA PHE B 477 -25.00 12.20 -8.74
C PHE B 477 -26.24 12.16 -9.61
N THR B 478 -27.31 12.86 -9.20
CA THR B 478 -28.50 12.90 -10.02
C THR B 478 -28.23 13.58 -11.36
N LEU B 479 -27.49 14.69 -11.35
CA LEU B 479 -27.15 15.35 -12.61
C LEU B 479 -26.33 14.44 -13.51
N LEU B 480 -25.36 13.73 -12.95
CA LEU B 480 -24.54 12.83 -13.76
C LEU B 480 -25.37 11.70 -14.34
N LEU B 481 -26.30 11.16 -13.57
CA LEU B 481 -27.11 10.04 -14.05
C LEU B 481 -28.21 10.48 -15.02
N VAL B 482 -28.60 11.76 -14.99
CA VAL B 482 -29.72 12.22 -15.81
C VAL B 482 -29.23 12.87 -17.10
N LEU B 483 -28.09 13.56 -17.04
CA LEU B 483 -27.64 14.35 -18.18
C LEU B 483 -27.49 13.57 -19.48
N PRO B 484 -26.94 12.35 -19.52
CA PRO B 484 -26.91 11.61 -20.79
C PRO B 484 -28.30 11.37 -21.37
N TYR B 485 -29.29 11.11 -20.52
CA TYR B 485 -30.64 10.86 -21.02
C TYR B 485 -31.24 12.09 -21.67
N ILE B 486 -31.12 13.24 -21.00
CA ILE B 486 -31.66 14.47 -21.58
C ILE B 486 -30.86 14.89 -22.80
N ARG B 487 -29.56 14.58 -22.84
CA ARG B 487 -28.77 14.85 -24.04
C ARG B 487 -29.25 14.00 -25.20
N LYS B 488 -29.54 12.72 -24.95
CA LYS B 488 -30.10 11.88 -26.00
C LYS B 488 -31.47 12.37 -26.43
N LEU B 489 -32.23 12.94 -25.50
CA LEU B 489 -33.52 13.52 -25.85
C LEU B 489 -33.35 14.69 -26.82
N LEU B 490 -32.34 15.52 -26.60
CA LEU B 490 -32.06 16.65 -27.49
C LEU B 490 -30.93 16.30 -28.46
#